data_1YDN
#
_entry.id   1YDN
#
_cell.length_a   82.272
_cell.length_b   86.399
_cell.length_c   87.683
_cell.angle_alpha   90.00
_cell.angle_beta   118.70
_cell.angle_gamma   90.00
#
_symmetry.space_group_name_H-M   'P 1 21 1'
#
loop_
_entity.id
_entity.type
_entity.pdbx_description
1 polymer 'HYDROXYMETHYLGLUTARYL-COA LYASE'
2 non-polymer 'CALCIUM ION'
3 water water
#
_entity_poly.entity_id   1
_entity_poly.type   'polypeptide(L)'
_entity_poly.pdbx_seq_one_letter_code
;MAEHVEIVE(MSE)AARDGLQNEKRFVPTADKIALINRLSDCGYARIEATSFVSPKWVPQLADSREV(MSE)AGIRRADG
VRYSVLVPN(MSE)KGYEAAAAAHADEIAVFISASEGFSKANINCTIAESIERLSPVIGAAINDGLAIRGYVSCVVECPY
DGPVTPQAVASVTEQLFSLGCHEVSLGDTIGRGTPDTVAA(MSE)LDAVLAIAPAHSLAGHYHDTGGRALDNIRVSLEKG
LRVFDASVGGLGGCPFAPGAKGNVDTVAVVE(MSE)LHE(MSE)GFETGLDLDRLRSAGLFTQALRQDKAALEHHHHHH
;
_entity_poly.pdbx_strand_id   A,B,C,D
#
loop_
_chem_comp.id
_chem_comp.type
_chem_comp.name
_chem_comp.formula
CA non-polymer 'CALCIUM ION' 'Ca 2'
#
# COMPACT_ATOMS: atom_id res chain seq x y z
N ALA A 2 14.30 -19.10 13.39
CA ALA A 2 13.74 -17.97 12.59
C ALA A 2 13.62 -18.33 11.11
N GLU A 3 12.71 -17.64 10.42
CA GLU A 3 12.48 -17.87 9.00
C GLU A 3 13.58 -17.19 8.20
N HIS A 4 14.11 -17.93 7.22
CA HIS A 4 15.19 -17.44 6.37
C HIS A 4 14.72 -16.77 5.09
N VAL A 5 15.35 -15.65 4.73
CA VAL A 5 15.03 -14.93 3.50
C VAL A 5 16.34 -14.65 2.74
N GLU A 6 16.38 -15.04 1.47
CA GLU A 6 17.59 -14.83 0.70
C GLU A 6 17.49 -13.64 -0.27
N ILE A 7 18.62 -13.03 -0.57
CA ILE A 7 18.61 -11.93 -1.51
C ILE A 7 19.66 -12.20 -2.57
N VAL A 8 19.33 -11.93 -3.81
CA VAL A 8 20.26 -12.13 -4.91
C VAL A 8 20.75 -10.72 -5.23
N GLU A 9 22.07 -10.52 -5.15
CA GLU A 9 22.63 -9.19 -5.41
C GLU A 9 22.60 -8.86 -6.90
N MSE A 10 22.18 -7.64 -7.21
CA MSE A 10 22.03 -7.16 -8.58
C MSE A 10 23.01 -6.10 -9.02
O MSE A 10 23.17 -5.85 -10.21
CB MSE A 10 20.63 -6.59 -8.75
CG MSE A 10 19.51 -7.54 -8.38
SE MSE A 10 19.16 -8.79 -9.84
CE MSE A 10 20.12 -10.34 -9.15
N ALA A 11 23.65 -5.45 -8.06
CA ALA A 11 24.59 -4.37 -8.34
C ALA A 11 25.58 -4.62 -9.47
N ALA A 12 26.21 -5.78 -9.49
CA ALA A 12 27.22 -6.09 -10.49
C ALA A 12 26.70 -6.13 -11.92
N ARG A 13 25.51 -6.68 -12.14
CA ARG A 13 24.98 -6.76 -13.49
C ARG A 13 23.82 -5.79 -13.74
N ASP A 14 22.69 -6.03 -13.07
CA ASP A 14 21.49 -5.19 -13.18
C ASP A 14 21.79 -3.74 -12.81
N GLY A 15 22.66 -3.53 -11.82
CA GLY A 15 22.97 -2.18 -11.39
C GLY A 15 23.83 -1.42 -12.38
N LEU A 16 25.00 -1.98 -12.69
CA LEU A 16 25.95 -1.39 -13.62
C LEU A 16 25.34 -1.22 -15.02
N GLN A 17 24.44 -2.13 -15.38
CA GLN A 17 23.79 -2.06 -16.68
C GLN A 17 22.94 -0.80 -16.78
N ASN A 18 22.30 -0.45 -15.67
CA ASN A 18 21.44 0.72 -15.59
C ASN A 18 22.16 1.96 -15.07
N GLU A 19 23.32 2.22 -15.67
CA GLU A 19 24.14 3.36 -15.30
C GLU A 19 24.76 3.89 -16.60
N LYS A 20 24.63 5.20 -16.84
CA LYS A 20 25.14 5.84 -18.05
C LYS A 20 26.66 6.01 -18.08
N ARG A 21 27.40 5.01 -17.62
CA ARG A 21 28.85 5.11 -17.62
C ARG A 21 29.49 3.74 -17.54
N PHE A 22 30.75 3.66 -17.95
CA PHE A 22 31.46 2.40 -17.95
C PHE A 22 32.39 2.35 -16.75
N VAL A 23 32.16 1.37 -15.89
CA VAL A 23 32.99 1.19 -14.72
C VAL A 23 34.19 0.37 -15.12
N PRO A 24 35.41 0.83 -14.78
CA PRO A 24 36.64 0.12 -15.11
C PRO A 24 36.55 -1.35 -14.68
N THR A 25 37.06 -2.23 -15.53
CA THR A 25 37.01 -3.66 -15.24
C THR A 25 37.53 -4.00 -13.85
N ALA A 26 38.66 -3.40 -13.49
CA ALA A 26 39.29 -3.61 -12.20
C ALA A 26 38.32 -3.21 -11.10
N ASP A 27 37.56 -2.15 -11.33
CA ASP A 27 36.61 -1.69 -10.34
C ASP A 27 35.44 -2.65 -10.21
N LYS A 28 35.00 -3.23 -11.32
CA LYS A 28 33.90 -4.18 -11.29
C LYS A 28 34.34 -5.38 -10.46
N ILE A 29 35.57 -5.83 -10.72
CA ILE A 29 36.15 -6.97 -10.01
C ILE A 29 36.29 -6.70 -8.50
N ALA A 30 36.71 -5.50 -8.16
CA ALA A 30 36.86 -5.13 -6.77
C ALA A 30 35.49 -5.11 -6.10
N LEU A 31 34.50 -4.64 -6.84
CA LEU A 31 33.14 -4.54 -6.33
C LEU A 31 32.52 -5.92 -6.07
N ILE A 32 32.80 -6.86 -6.96
CA ILE A 32 32.27 -8.20 -6.81
C ILE A 32 32.93 -8.97 -5.67
N ASN A 33 34.24 -8.73 -5.49
CA ASN A 33 35.02 -9.36 -4.44
C ASN A 33 34.51 -8.95 -3.05
N ARG A 34 34.07 -7.70 -2.92
CA ARG A 34 33.54 -7.25 -1.64
C ARG A 34 32.18 -7.91 -1.41
N LEU A 35 31.33 -7.92 -2.42
CA LEU A 35 30.02 -8.52 -2.30
C LEU A 35 30.15 -10.00 -1.88
N SER A 36 31.15 -10.68 -2.41
CA SER A 36 31.38 -12.08 -2.12
C SER A 36 31.66 -12.36 -0.64
N ASP A 37 32.11 -11.33 0.07
CA ASP A 37 32.41 -11.45 1.48
C ASP A 37 31.24 -10.95 2.30
N CYS A 38 30.11 -10.70 1.66
CA CYS A 38 28.96 -10.21 2.39
C CYS A 38 28.08 -11.32 2.94
N GLY A 39 28.13 -12.49 2.32
CA GLY A 39 27.34 -13.62 2.79
C GLY A 39 26.25 -14.10 1.83
N TYR A 40 26.25 -13.55 0.62
CA TYR A 40 25.26 -13.93 -0.42
C TYR A 40 25.47 -15.38 -0.84
N ALA A 41 24.41 -16.05 -1.27
CA ALA A 41 24.54 -17.42 -1.75
C ALA A 41 24.68 -17.31 -3.27
N ARG A 42 24.01 -16.30 -3.85
CA ARG A 42 24.04 -16.07 -5.29
C ARG A 42 24.39 -14.63 -5.65
N ILE A 43 25.21 -14.45 -6.67
CA ILE A 43 25.58 -13.11 -7.13
C ILE A 43 25.60 -13.18 -8.64
N GLU A 44 24.94 -12.23 -9.29
CA GLU A 44 24.90 -12.20 -10.75
C GLU A 44 26.07 -11.33 -11.18
N ALA A 45 27.17 -11.98 -11.50
CA ALA A 45 28.44 -11.33 -11.87
C ALA A 45 28.48 -10.43 -13.12
N THR A 46 27.79 -10.82 -14.18
CA THR A 46 27.76 -10.05 -15.42
C THR A 46 26.73 -10.59 -16.40
N SER A 47 26.78 -10.08 -17.63
CA SER A 47 25.89 -10.51 -18.69
C SER A 47 26.68 -10.66 -19.99
N PHE A 48 26.37 -11.70 -20.75
CA PHE A 48 27.03 -11.96 -22.03
C PHE A 48 26.10 -11.54 -23.16
N VAL A 49 25.64 -10.30 -23.10
CA VAL A 49 24.73 -9.77 -24.10
C VAL A 49 25.51 -8.78 -24.97
N SER A 50 25.03 -8.61 -26.21
CA SER A 50 25.65 -7.71 -27.17
C SER A 50 26.26 -6.46 -26.55
N PRO A 51 27.57 -6.26 -26.77
CA PRO A 51 28.29 -5.09 -26.24
C PRO A 51 27.77 -3.78 -26.82
N LYS A 52 27.05 -3.85 -27.92
CA LYS A 52 26.51 -2.65 -28.55
C LYS A 52 25.18 -2.26 -27.92
N TRP A 53 24.48 -3.24 -27.36
CA TRP A 53 23.19 -2.98 -26.71
C TRP A 53 23.37 -2.63 -25.23
N VAL A 54 24.55 -2.99 -24.70
CA VAL A 54 24.87 -2.73 -23.32
C VAL A 54 26.40 -2.76 -23.18
N PRO A 55 27.07 -1.68 -23.57
CA PRO A 55 28.53 -1.57 -23.50
C PRO A 55 29.03 -1.58 -22.06
N GLN A 56 28.15 -1.24 -21.12
CA GLN A 56 28.54 -1.22 -19.72
C GLN A 56 29.14 -2.55 -19.27
N LEU A 57 28.69 -3.67 -19.84
CA LEU A 57 29.20 -4.97 -19.43
C LEU A 57 30.01 -5.70 -20.51
N ALA A 58 30.55 -4.95 -21.46
CA ALA A 58 31.33 -5.55 -22.54
C ALA A 58 32.53 -6.33 -22.02
N ASP A 59 32.95 -6.05 -20.80
CA ASP A 59 34.10 -6.74 -20.22
C ASP A 59 33.66 -7.95 -19.38
N SER A 60 32.50 -8.50 -19.70
CA SER A 60 31.95 -9.64 -18.97
C SER A 60 32.92 -10.82 -18.87
N ARG A 61 33.71 -11.00 -19.92
CA ARG A 61 34.67 -12.10 -20.00
C ARG A 61 35.84 -11.91 -19.04
N GLU A 62 36.41 -10.69 -19.02
CA GLU A 62 37.51 -10.41 -18.11
C GLU A 62 37.03 -10.50 -16.67
N VAL A 63 35.87 -9.92 -16.41
CA VAL A 63 35.31 -9.94 -15.06
C VAL A 63 35.28 -11.37 -14.50
N MSE A 64 34.56 -12.27 -15.16
CA MSE A 64 34.46 -13.66 -14.71
C MSE A 64 35.82 -14.30 -14.48
O MSE A 64 35.96 -15.21 -13.66
CB MSE A 64 33.67 -14.51 -15.72
CG MSE A 64 32.18 -14.21 -15.79
SE MSE A 64 31.24 -14.35 -14.07
CE MSE A 64 31.15 -16.29 -13.89
N ALA A 65 36.82 -13.81 -15.20
CA ALA A 65 38.16 -14.36 -15.08
C ALA A 65 38.95 -13.74 -13.92
N GLY A 66 38.70 -12.47 -13.64
CA GLY A 66 39.41 -11.78 -12.57
C GLY A 66 38.83 -11.95 -11.18
N ILE A 67 37.54 -12.25 -11.11
CA ILE A 67 36.84 -12.42 -9.84
C ILE A 67 37.40 -13.65 -9.09
N ARG A 68 37.31 -13.61 -7.76
CA ARG A 68 37.76 -14.76 -6.98
C ARG A 68 36.51 -15.54 -6.60
N ARG A 69 36.60 -16.86 -6.68
CA ARG A 69 35.46 -17.74 -6.36
C ARG A 69 35.48 -18.15 -4.91
N ALA A 70 34.63 -17.54 -4.09
CA ALA A 70 34.57 -17.90 -2.67
C ALA A 70 34.24 -19.39 -2.48
N ASP A 71 33.87 -20.05 -3.57
CA ASP A 71 33.54 -21.48 -3.58
C ASP A 71 32.27 -21.86 -2.82
N GLY A 72 31.82 -20.98 -1.94
CA GLY A 72 30.58 -21.23 -1.21
C GLY A 72 29.51 -20.32 -1.78
N VAL A 73 29.88 -19.61 -2.85
CA VAL A 73 28.98 -18.67 -3.52
C VAL A 73 28.83 -19.02 -5.01
N ARG A 74 27.58 -18.96 -5.50
CA ARG A 74 27.32 -19.24 -6.89
C ARG A 74 27.26 -17.95 -7.69
N TYR A 75 28.10 -17.89 -8.73
CA TYR A 75 28.18 -16.72 -9.60
C TYR A 75 27.43 -17.04 -10.90
N SER A 76 26.35 -16.31 -11.13
CA SER A 76 25.52 -16.51 -12.32
C SER A 76 25.70 -15.36 -13.31
N VAL A 77 25.29 -15.59 -14.55
CA VAL A 77 25.40 -14.58 -15.58
C VAL A 77 24.12 -14.61 -16.42
N LEU A 78 23.72 -13.45 -16.92
CA LEU A 78 22.51 -13.32 -17.75
C LEU A 78 22.88 -13.78 -19.16
N VAL A 79 21.97 -14.51 -19.79
CA VAL A 79 22.21 -15.06 -21.12
C VAL A 79 21.05 -14.74 -22.06
N PRO A 80 21.31 -13.97 -23.14
CA PRO A 80 20.31 -13.56 -24.13
C PRO A 80 19.98 -14.60 -25.21
N ASN A 81 20.95 -15.46 -25.50
CA ASN A 81 20.79 -16.49 -26.52
C ASN A 81 21.80 -17.62 -26.39
N MSE A 82 21.82 -18.52 -27.36
CA MSE A 82 22.73 -19.64 -27.33
C MSE A 82 24.18 -19.17 -27.38
O MSE A 82 25.04 -19.72 -26.68
CB MSE A 82 22.44 -20.59 -28.50
CG MSE A 82 23.11 -21.94 -28.38
SE MSE A 82 22.53 -22.90 -26.80
CE MSE A 82 21.06 -23.89 -27.58
N LYS A 83 24.47 -18.17 -28.19
CA LYS A 83 25.83 -17.65 -28.29
C LYS A 83 26.28 -17.21 -26.90
N GLY A 84 25.37 -16.61 -26.15
CA GLY A 84 25.66 -16.16 -24.81
C GLY A 84 25.90 -17.33 -23.87
N TYR A 85 25.10 -18.38 -24.00
CA TYR A 85 25.26 -19.53 -23.14
C TYR A 85 26.65 -20.12 -23.27
N GLU A 86 27.16 -20.21 -24.49
CA GLU A 86 28.50 -20.75 -24.73
C GLU A 86 29.56 -19.95 -23.98
N ALA A 87 29.47 -18.63 -24.08
CA ALA A 87 30.40 -17.75 -23.41
C ALA A 87 30.28 -17.96 -21.89
N ALA A 88 29.06 -18.12 -21.40
CA ALA A 88 28.83 -18.32 -19.98
C ALA A 88 29.46 -19.62 -19.51
N ALA A 89 29.37 -20.65 -20.35
CA ALA A 89 29.93 -21.96 -20.02
C ALA A 89 31.44 -21.89 -20.07
N ALA A 90 31.96 -21.05 -20.95
CA ALA A 90 33.42 -20.89 -21.09
C ALA A 90 33.96 -20.10 -19.89
N ALA A 91 33.16 -19.16 -19.40
CA ALA A 91 33.51 -18.32 -18.25
C ALA A 91 33.30 -19.05 -16.93
N HIS A 92 32.97 -20.33 -17.01
CA HIS A 92 32.76 -21.14 -15.82
C HIS A 92 31.68 -20.55 -14.91
N ALA A 93 30.56 -20.20 -15.51
CA ALA A 93 29.46 -19.66 -14.73
C ALA A 93 28.83 -20.81 -13.92
N ASP A 94 28.46 -20.53 -12.67
CA ASP A 94 27.86 -21.53 -11.79
C ASP A 94 26.38 -21.74 -12.14
N GLU A 95 25.73 -20.65 -12.51
CA GLU A 95 24.33 -20.67 -12.85
C GLU A 95 24.06 -19.70 -13.98
N ILE A 96 22.88 -19.86 -14.60
CA ILE A 96 22.44 -19.07 -15.72
C ILE A 96 21.15 -18.33 -15.39
N ALA A 97 20.87 -17.27 -16.15
CA ALA A 97 19.66 -16.48 -15.96
C ALA A 97 19.20 -15.95 -17.32
N VAL A 98 17.93 -16.20 -17.66
CA VAL A 98 17.35 -15.77 -18.93
C VAL A 98 16.30 -14.71 -18.64
N PHE A 99 15.91 -13.96 -19.66
CA PHE A 99 14.92 -12.92 -19.44
C PHE A 99 13.87 -12.79 -20.52
N ILE A 100 12.66 -12.43 -20.10
CA ILE A 100 11.54 -12.21 -21.00
C ILE A 100 10.64 -11.16 -20.37
N SER A 101 9.66 -10.70 -21.13
CA SER A 101 8.77 -9.69 -20.60
C SER A 101 7.33 -10.18 -20.57
N ALA A 102 6.55 -9.68 -19.61
CA ALA A 102 5.14 -10.05 -19.53
C ALA A 102 4.37 -9.11 -20.43
N SER A 103 5.01 -8.05 -20.93
CA SER A 103 4.38 -7.07 -21.82
C SER A 103 4.87 -7.18 -23.26
N GLU A 104 3.94 -7.37 -24.20
CA GLU A 104 4.26 -7.47 -25.63
C GLU A 104 4.98 -6.23 -26.16
N GLY A 105 4.54 -5.05 -25.73
CA GLY A 105 5.15 -3.82 -26.20
C GLY A 105 6.59 -3.67 -25.72
N PHE A 106 6.86 -4.07 -24.49
CA PHE A 106 8.19 -3.96 -23.95
C PHE A 106 9.12 -4.99 -24.57
N SER A 107 8.57 -6.16 -24.89
CA SER A 107 9.37 -7.24 -25.46
C SER A 107 9.93 -6.88 -26.83
N LYS A 108 9.05 -6.45 -27.74
CA LYS A 108 9.47 -6.08 -29.08
C LYS A 108 10.15 -4.73 -29.08
N ALA A 109 10.50 -4.22 -27.90
CA ALA A 109 11.17 -2.93 -27.76
C ALA A 109 12.49 -3.11 -27.03
N ASN A 110 12.59 -4.20 -26.27
CA ASN A 110 13.80 -4.50 -25.51
C ASN A 110 14.54 -5.69 -26.10
N ILE A 111 13.80 -6.73 -26.47
CA ILE A 111 14.39 -7.94 -27.05
C ILE A 111 14.15 -7.93 -28.55
N ASN A 112 13.28 -7.02 -28.98
CA ASN A 112 12.95 -6.89 -30.39
C ASN A 112 12.27 -8.13 -30.97
N CYS A 113 11.22 -8.58 -30.30
CA CYS A 113 10.43 -9.73 -30.73
C CYS A 113 9.27 -9.90 -29.77
N THR A 114 8.31 -10.75 -30.13
CA THR A 114 7.14 -10.98 -29.30
C THR A 114 7.48 -11.87 -28.10
N ILE A 115 6.59 -11.88 -27.12
CA ILE A 115 6.77 -12.70 -25.95
C ILE A 115 6.88 -14.17 -26.32
N ALA A 116 5.95 -14.65 -27.14
CA ALA A 116 5.94 -16.05 -27.56
C ALA A 116 7.24 -16.42 -28.29
N GLU A 117 7.74 -15.49 -29.11
CA GLU A 117 8.98 -15.71 -29.85
C GLU A 117 10.21 -15.72 -28.94
N SER A 118 10.18 -14.91 -27.89
CA SER A 118 11.30 -14.87 -26.97
C SER A 118 11.32 -16.16 -26.16
N ILE A 119 10.16 -16.79 -25.99
CA ILE A 119 10.08 -18.04 -25.25
C ILE A 119 10.59 -19.19 -26.09
N GLU A 120 10.24 -19.20 -27.37
CA GLU A 120 10.66 -20.26 -28.29
C GLU A 120 12.17 -20.32 -28.46
N ARG A 121 12.78 -19.17 -28.67
CA ARG A 121 14.22 -19.06 -28.86
C ARG A 121 14.97 -19.46 -27.59
N LEU A 122 14.34 -19.18 -26.45
CA LEU A 122 14.92 -19.49 -25.16
C LEU A 122 14.78 -20.97 -24.80
N SER A 123 13.91 -21.67 -25.52
CA SER A 123 13.69 -23.09 -25.27
C SER A 123 14.98 -23.91 -25.38
N PRO A 124 15.78 -23.67 -26.45
CA PRO A 124 17.02 -24.42 -26.62
C PRO A 124 18.14 -24.03 -25.66
N VAL A 125 18.27 -22.75 -25.33
CA VAL A 125 19.33 -22.33 -24.41
C VAL A 125 19.09 -22.93 -23.03
N ILE A 126 17.84 -22.95 -22.59
CA ILE A 126 17.50 -23.50 -21.29
C ILE A 126 17.76 -25.00 -21.32
N GLY A 127 17.56 -25.59 -22.51
CA GLY A 127 17.78 -27.01 -22.67
C GLY A 127 19.25 -27.34 -22.55
N ALA A 128 20.08 -26.53 -23.20
CA ALA A 128 21.52 -26.73 -23.16
C ALA A 128 22.02 -26.62 -21.74
N ALA A 129 21.49 -25.66 -20.99
CA ALA A 129 21.88 -25.44 -19.61
C ALA A 129 21.54 -26.63 -18.72
N ILE A 130 20.30 -27.10 -18.83
CA ILE A 130 19.87 -28.23 -18.02
C ILE A 130 20.74 -29.45 -18.32
N ASN A 131 21.13 -29.59 -19.58
CA ASN A 131 21.97 -30.70 -19.99
C ASN A 131 23.33 -30.63 -19.27
N ASP A 132 23.89 -29.43 -19.19
CA ASP A 132 25.18 -29.23 -18.53
C ASP A 132 25.06 -29.17 -17.00
N GLY A 133 23.86 -29.41 -16.48
CA GLY A 133 23.68 -29.38 -15.04
C GLY A 133 23.70 -27.99 -14.41
N LEU A 134 23.53 -26.95 -15.21
CA LEU A 134 23.52 -25.59 -14.67
C LEU A 134 22.10 -25.15 -14.28
N ALA A 135 21.99 -24.46 -13.16
CA ALA A 135 20.71 -23.97 -12.67
C ALA A 135 20.33 -22.72 -13.48
N ILE A 136 19.05 -22.63 -13.87
CA ILE A 136 18.58 -21.50 -14.67
C ILE A 136 17.38 -20.80 -14.04
N ARG A 137 17.50 -19.48 -13.91
CA ARG A 137 16.43 -18.67 -13.33
C ARG A 137 15.92 -17.79 -14.45
N GLY A 138 14.63 -17.46 -14.40
CA GLY A 138 14.08 -16.63 -15.44
C GLY A 138 13.63 -15.30 -14.88
N TYR A 139 13.81 -14.24 -15.66
CA TYR A 139 13.40 -12.88 -15.29
C TYR A 139 12.14 -12.54 -16.11
N VAL A 140 11.17 -11.91 -15.45
CA VAL A 140 9.95 -11.50 -16.13
C VAL A 140 9.78 -10.01 -15.84
N SER A 141 9.87 -9.19 -16.89
CA SER A 141 9.73 -7.74 -16.71
C SER A 141 8.29 -7.28 -16.84
N CYS A 142 8.02 -6.07 -16.36
CA CYS A 142 6.71 -5.48 -16.41
C CYS A 142 5.61 -6.36 -15.78
N VAL A 143 5.86 -6.87 -14.58
CA VAL A 143 4.89 -7.71 -13.90
C VAL A 143 3.71 -6.92 -13.34
N VAL A 144 3.85 -5.60 -13.32
CA VAL A 144 2.75 -4.78 -12.82
C VAL A 144 2.33 -3.76 -13.85
N GLU A 145 3.30 -3.08 -14.47
CA GLU A 145 2.98 -2.09 -15.46
C GLU A 145 4.12 -1.90 -16.45
N CYS A 146 3.77 -1.60 -17.70
CA CYS A 146 4.74 -1.43 -18.75
C CYS A 146 4.77 0.01 -19.23
N PRO A 147 5.97 0.58 -19.40
CA PRO A 147 6.00 1.97 -19.87
C PRO A 147 5.42 2.10 -21.28
N TYR A 148 5.03 0.98 -21.88
CA TYR A 148 4.47 1.03 -23.23
C TYR A 148 2.99 0.67 -23.29
N ASP A 149 2.64 -0.49 -22.74
CA ASP A 149 1.25 -0.95 -22.78
C ASP A 149 0.45 -0.60 -21.52
N GLY A 150 1.08 0.08 -20.57
CA GLY A 150 0.40 0.43 -19.36
C GLY A 150 0.24 -0.78 -18.46
N PRO A 151 -0.79 -0.82 -17.60
CA PRO A 151 -0.96 -1.97 -16.71
C PRO A 151 -0.95 -3.33 -17.40
N VAL A 152 -0.36 -4.31 -16.74
CA VAL A 152 -0.28 -5.66 -17.28
C VAL A 152 -1.07 -6.58 -16.36
N THR A 153 -2.02 -7.31 -16.92
CA THR A 153 -2.87 -8.19 -16.13
C THR A 153 -2.12 -9.31 -15.38
N PRO A 154 -2.65 -9.73 -14.22
CA PRO A 154 -1.97 -10.80 -13.47
C PRO A 154 -1.87 -12.05 -14.32
N GLN A 155 -2.92 -12.31 -15.10
CA GLN A 155 -2.96 -13.48 -15.96
C GLN A 155 -1.81 -13.48 -16.97
N ALA A 156 -1.50 -12.33 -17.54
CA ALA A 156 -0.42 -12.27 -18.51
C ALA A 156 0.87 -12.70 -17.84
N VAL A 157 1.12 -12.18 -16.63
CA VAL A 157 2.34 -12.53 -15.91
C VAL A 157 2.36 -14.01 -15.54
N ALA A 158 1.22 -14.54 -15.10
CA ALA A 158 1.17 -15.95 -14.71
C ALA A 158 1.37 -16.86 -15.93
N SER A 159 0.94 -16.39 -17.10
CA SER A 159 1.10 -17.21 -18.30
C SER A 159 2.57 -17.43 -18.62
N VAL A 160 3.30 -16.33 -18.83
CA VAL A 160 4.72 -16.42 -19.13
C VAL A 160 5.54 -17.05 -18.01
N THR A 161 5.14 -16.83 -16.76
CA THR A 161 5.84 -17.43 -15.63
C THR A 161 5.73 -18.97 -15.65
N GLU A 162 4.53 -19.46 -16.00
CA GLU A 162 4.23 -20.88 -16.07
C GLU A 162 5.00 -21.54 -17.22
N GLN A 163 5.19 -20.80 -18.30
CA GLN A 163 5.92 -21.33 -19.45
C GLN A 163 7.43 -21.38 -19.18
N LEU A 164 7.94 -20.45 -18.36
CA LEU A 164 9.36 -20.47 -18.03
C LEU A 164 9.66 -21.70 -17.19
N PHE A 165 8.87 -21.94 -16.16
CA PHE A 165 9.08 -23.11 -15.30
C PHE A 165 8.95 -24.39 -16.11
N SER A 166 7.94 -24.48 -16.97
CA SER A 166 7.74 -25.68 -17.78
C SER A 166 8.93 -25.99 -18.70
N LEU A 167 9.68 -24.96 -19.07
CA LEU A 167 10.86 -25.13 -19.91
C LEU A 167 12.02 -25.67 -19.07
N GLY A 168 12.01 -25.36 -17.78
CA GLY A 168 13.09 -25.83 -16.93
C GLY A 168 13.57 -24.92 -15.81
N CYS A 169 13.30 -23.62 -15.92
CA CYS A 169 13.71 -22.68 -14.90
C CYS A 169 13.33 -23.18 -13.51
N HIS A 170 14.25 -23.07 -12.56
CA HIS A 170 14.02 -23.53 -11.20
C HIS A 170 13.46 -22.40 -10.35
N GLU A 171 13.54 -21.18 -10.88
CA GLU A 171 13.07 -20.00 -10.17
C GLU A 171 12.80 -18.87 -11.16
N VAL A 172 11.81 -18.04 -10.83
CA VAL A 172 11.41 -16.91 -11.65
C VAL A 172 11.38 -15.65 -10.78
N SER A 173 11.97 -14.58 -11.31
CA SER A 173 12.04 -13.31 -10.62
C SER A 173 11.00 -12.42 -11.28
N LEU A 174 10.02 -11.98 -10.49
CA LEU A 174 8.95 -11.12 -10.96
C LEU A 174 9.40 -9.68 -10.77
N GLY A 175 9.79 -9.02 -11.85
CA GLY A 175 10.28 -7.66 -11.70
C GLY A 175 9.37 -6.50 -12.07
N ASP A 176 9.18 -5.58 -11.13
CA ASP A 176 8.37 -4.40 -11.35
C ASP A 176 9.25 -3.35 -12.03
N THR A 177 9.59 -3.65 -13.28
CA THR A 177 10.45 -2.85 -14.16
C THR A 177 10.49 -1.33 -13.98
N ILE A 178 9.33 -0.69 -13.93
CA ILE A 178 9.29 0.76 -13.76
C ILE A 178 8.95 1.23 -12.35
N GLY A 179 8.87 0.29 -11.43
CA GLY A 179 8.57 0.64 -10.06
C GLY A 179 7.25 1.36 -9.86
N ARG A 180 6.21 0.90 -10.54
CA ARG A 180 4.91 1.52 -10.38
C ARG A 180 3.99 0.63 -9.56
N GLY A 181 4.55 -0.46 -9.05
CA GLY A 181 3.76 -1.39 -8.26
C GLY A 181 3.42 -0.95 -6.84
N THR A 182 2.21 -1.26 -6.41
CA THR A 182 1.80 -0.94 -5.04
C THR A 182 1.41 -2.25 -4.36
N PRO A 183 1.24 -2.23 -3.04
CA PRO A 183 0.87 -3.47 -2.34
C PRO A 183 -0.32 -4.19 -2.99
N ASP A 184 -1.29 -3.42 -3.51
CA ASP A 184 -2.46 -4.02 -4.16
C ASP A 184 -2.15 -4.69 -5.51
N THR A 185 -1.63 -3.94 -6.46
CA THR A 185 -1.32 -4.51 -7.78
C THR A 185 -0.36 -5.69 -7.65
N VAL A 186 0.65 -5.54 -6.82
CA VAL A 186 1.62 -6.60 -6.57
C VAL A 186 0.91 -7.84 -6.01
N ALA A 187 0.00 -7.62 -5.07
CA ALA A 187 -0.74 -8.72 -4.43
C ALA A 187 -1.60 -9.46 -5.43
N ALA A 188 -2.18 -8.72 -6.37
CA ALA A 188 -3.05 -9.33 -7.37
C ALA A 188 -2.22 -10.09 -8.38
N MSE A 189 -0.98 -9.65 -8.58
CA MSE A 189 -0.09 -10.32 -9.52
C MSE A 189 0.36 -11.63 -8.88
O MSE A 189 0.21 -12.70 -9.45
CB MSE A 189 1.10 -9.41 -9.85
CG MSE A 189 2.17 -10.02 -10.75
SE MSE A 189 3.51 -11.05 -9.80
CE MSE A 189 4.30 -9.66 -8.73
N LEU A 190 0.87 -11.55 -7.65
CA LEU A 190 1.34 -12.75 -6.96
C LEU A 190 0.25 -13.84 -6.90
N ASP A 191 -0.97 -13.44 -6.60
CA ASP A 191 -2.08 -14.41 -6.50
C ASP A 191 -2.21 -15.23 -7.77
N ALA A 192 -2.14 -14.56 -8.91
CA ALA A 192 -2.22 -15.26 -10.17
C ALA A 192 -1.03 -16.22 -10.30
N VAL A 193 0.18 -15.72 -10.08
CA VAL A 193 1.38 -16.56 -10.18
C VAL A 193 1.39 -17.74 -9.18
N LEU A 194 0.96 -17.47 -7.95
CA LEU A 194 0.92 -18.49 -6.93
C LEU A 194 -0.05 -19.62 -7.29
N ALA A 195 -0.99 -19.33 -8.19
CA ALA A 195 -1.94 -20.34 -8.61
C ALA A 195 -1.28 -21.37 -9.53
N ILE A 196 -0.16 -21.03 -10.17
CA ILE A 196 0.50 -21.98 -11.07
C ILE A 196 1.97 -22.26 -10.71
N ALA A 197 2.38 -21.83 -9.52
CA ALA A 197 3.75 -22.05 -9.08
C ALA A 197 3.84 -21.77 -7.60
N PRO A 198 4.63 -22.58 -6.87
CA PRO A 198 4.83 -22.43 -5.44
C PRO A 198 5.68 -21.20 -5.12
N ALA A 199 5.39 -20.59 -3.97
CA ALA A 199 6.10 -19.39 -3.51
C ALA A 199 7.59 -19.64 -3.40
N HIS A 200 7.93 -20.90 -3.15
CA HIS A 200 9.31 -21.34 -3.01
C HIS A 200 10.18 -21.02 -4.21
N SER A 201 9.60 -21.05 -5.41
CA SER A 201 10.38 -20.77 -6.61
C SER A 201 10.23 -19.37 -7.17
N LEU A 202 9.64 -18.48 -6.38
CA LEU A 202 9.43 -17.11 -6.82
C LEU A 202 10.36 -16.12 -6.12
N ALA A 203 10.84 -15.15 -6.89
CA ALA A 203 11.70 -14.12 -6.32
C ALA A 203 11.09 -12.78 -6.67
N GLY A 204 11.15 -11.85 -5.73
CA GLY A 204 10.61 -10.52 -5.94
C GLY A 204 11.70 -9.57 -6.35
N HIS A 205 11.42 -8.75 -7.36
CA HIS A 205 12.37 -7.80 -7.93
C HIS A 205 11.66 -6.46 -8.05
N TYR A 206 11.53 -5.74 -6.94
CA TYR A 206 10.80 -4.49 -6.96
C TYR A 206 11.63 -3.21 -6.90
N HIS A 207 11.47 -2.36 -7.92
CA HIS A 207 12.15 -1.08 -7.91
C HIS A 207 11.53 -0.16 -6.89
N ASP A 208 12.34 0.72 -6.34
CA ASP A 208 11.90 1.67 -5.31
C ASP A 208 11.62 3.01 -5.97
N THR A 209 11.65 3.02 -7.29
CA THR A 209 11.41 4.24 -8.05
C THR A 209 10.23 5.05 -7.52
N GLY A 210 9.19 4.36 -7.07
CA GLY A 210 8.03 5.06 -6.54
C GLY A 210 8.00 5.05 -5.02
N GLY A 211 9.09 4.61 -4.38
CA GLY A 211 9.14 4.58 -2.93
C GLY A 211 8.31 3.48 -2.27
N ARG A 212 7.90 2.48 -3.04
CA ARG A 212 7.08 1.42 -2.47
C ARG A 212 7.73 0.03 -2.47
N ALA A 213 8.98 -0.05 -2.88
CA ALA A 213 9.70 -1.33 -2.93
C ALA A 213 9.61 -2.14 -1.62
N LEU A 214 9.93 -1.50 -0.51
CA LEU A 214 9.88 -2.17 0.80
C LEU A 214 8.46 -2.60 1.16
N ASP A 215 7.47 -1.84 0.69
CA ASP A 215 6.06 -2.18 0.95
C ASP A 215 5.67 -3.40 0.10
N ASN A 216 6.11 -3.44 -1.15
CA ASN A 216 5.78 -4.55 -2.04
C ASN A 216 6.46 -5.84 -1.57
N ILE A 217 7.58 -5.69 -0.88
CA ILE A 217 8.31 -6.83 -0.36
C ILE A 217 7.55 -7.42 0.83
N ARG A 218 6.98 -6.58 1.68
CA ARG A 218 6.22 -7.05 2.84
C ARG A 218 5.06 -7.91 2.36
N VAL A 219 4.34 -7.42 1.35
CA VAL A 219 3.22 -8.16 0.78
C VAL A 219 3.67 -9.53 0.25
N SER A 220 4.83 -9.55 -0.42
CA SER A 220 5.38 -10.78 -0.96
C SER A 220 5.74 -11.78 0.15
N LEU A 221 6.22 -11.25 1.27
CA LEU A 221 6.58 -12.07 2.42
C LEU A 221 5.32 -12.69 2.99
N GLU A 222 4.26 -11.89 3.06
CA GLU A 222 2.96 -12.34 3.56
C GLU A 222 2.36 -13.40 2.67
N LYS A 223 2.73 -13.35 1.39
CA LYS A 223 2.24 -14.30 0.40
C LYS A 223 3.07 -15.58 0.38
N GLY A 224 4.28 -15.52 0.94
CA GLY A 224 5.13 -16.71 0.98
C GLY A 224 6.50 -16.58 0.34
N LEU A 225 6.73 -15.52 -0.44
CA LEU A 225 8.02 -15.35 -1.09
C LEU A 225 9.16 -15.20 -0.08
N ARG A 226 10.26 -15.89 -0.34
CA ARG A 226 11.41 -15.84 0.54
C ARG A 226 12.72 -15.53 -0.21
N VAL A 227 12.60 -14.85 -1.35
CA VAL A 227 13.76 -14.47 -2.14
C VAL A 227 13.45 -13.11 -2.77
N PHE A 228 14.43 -12.22 -2.75
CA PHE A 228 14.24 -10.90 -3.33
C PHE A 228 15.54 -10.39 -3.92
N ASP A 229 15.42 -9.62 -4.99
CA ASP A 229 16.57 -9.06 -5.69
C ASP A 229 16.73 -7.61 -5.32
N ALA A 230 17.98 -7.20 -5.05
CA ALA A 230 18.29 -5.83 -4.68
C ALA A 230 19.74 -5.45 -4.99
N SER A 231 20.01 -4.15 -5.05
CA SER A 231 21.36 -3.64 -5.32
C SER A 231 21.91 -3.04 -4.04
N VAL A 232 23.11 -3.47 -3.68
CA VAL A 232 23.76 -3.03 -2.45
C VAL A 232 23.61 -1.53 -2.14
N GLY A 233 23.90 -0.67 -3.11
CA GLY A 233 23.76 0.76 -2.86
C GLY A 233 22.75 1.39 -3.80
N GLY A 234 21.78 0.59 -4.23
CA GLY A 234 20.76 1.10 -5.13
C GLY A 234 21.29 1.30 -6.54
N LEU A 235 22.40 0.65 -6.86
CA LEU A 235 22.98 0.76 -8.19
C LEU A 235 21.98 0.42 -9.27
N GLY A 236 22.06 1.16 -10.37
CA GLY A 236 21.17 0.94 -11.49
C GLY A 236 19.85 1.66 -11.32
N GLY A 237 19.70 2.82 -11.96
CA GLY A 237 18.47 3.57 -11.83
C GLY A 237 17.41 3.11 -12.81
N CYS A 238 16.51 4.03 -13.18
CA CYS A 238 15.45 3.75 -14.13
C CYS A 238 15.53 4.73 -15.29
N PRO A 239 15.71 4.22 -16.52
CA PRO A 239 15.82 5.03 -17.74
C PRO A 239 14.59 5.90 -18.01
N PHE A 240 13.42 5.41 -17.62
CA PHE A 240 12.18 6.14 -17.81
C PHE A 240 12.04 7.22 -16.73
N ALA A 241 12.86 7.09 -15.69
CA ALA A 241 12.87 8.05 -14.60
C ALA A 241 14.33 8.35 -14.23
N PRO A 242 15.04 9.10 -15.09
CA PRO A 242 16.44 9.46 -14.87
C PRO A 242 16.68 10.13 -13.53
N GLY A 243 17.78 9.77 -12.86
CA GLY A 243 18.05 10.36 -11.56
C GLY A 243 17.22 9.73 -10.47
N ALA A 244 16.00 9.32 -10.79
CA ALA A 244 15.10 8.69 -9.82
C ALA A 244 15.68 7.38 -9.30
N LYS A 245 15.20 6.94 -8.13
CA LYS A 245 15.68 5.70 -7.52
C LYS A 245 15.38 4.47 -8.41
N GLY A 246 16.38 3.62 -8.58
CA GLY A 246 16.19 2.43 -9.40
C GLY A 246 15.91 1.22 -8.52
N ASN A 247 16.78 0.22 -8.58
CA ASN A 247 16.63 -0.97 -7.76
C ASN A 247 16.51 -0.64 -6.29
N VAL A 248 15.86 -1.53 -5.53
CA VAL A 248 15.72 -1.33 -4.10
C VAL A 248 17.09 -1.56 -3.46
N ASP A 249 17.50 -0.66 -2.56
CA ASP A 249 18.80 -0.76 -1.89
C ASP A 249 18.91 -2.02 -1.03
N THR A 250 19.90 -2.87 -1.32
CA THR A 250 20.08 -4.12 -0.56
C THR A 250 20.13 -3.89 0.94
N VAL A 251 20.79 -2.81 1.38
CA VAL A 251 20.88 -2.50 2.81
C VAL A 251 19.52 -2.28 3.43
N ALA A 252 18.74 -1.39 2.82
CA ALA A 252 17.40 -1.09 3.32
C ALA A 252 16.57 -2.36 3.49
N VAL A 253 16.69 -3.28 2.54
CA VAL A 253 15.92 -4.53 2.57
C VAL A 253 16.30 -5.44 3.74
N VAL A 254 17.60 -5.64 3.95
CA VAL A 254 18.08 -6.51 5.03
C VAL A 254 17.82 -5.92 6.41
N GLU A 255 17.91 -4.59 6.53
CA GLU A 255 17.66 -3.95 7.83
C GLU A 255 16.20 -4.10 8.20
N MSE A 256 15.31 -4.09 7.20
CA MSE A 256 13.88 -4.26 7.46
C MSE A 256 13.59 -5.72 7.77
O MSE A 256 12.88 -6.03 8.73
CB MSE A 256 13.05 -3.84 6.24
CG MSE A 256 11.56 -4.00 6.44
SE MSE A 256 10.48 -4.07 4.81
CE MSE A 256 10.64 -5.99 4.50
N LEU A 257 14.14 -6.60 6.95
CA LEU A 257 13.96 -8.05 7.09
C LEU A 257 14.33 -8.53 8.48
N HIS A 258 15.46 -8.06 8.98
CA HIS A 258 15.93 -8.44 10.31
C HIS A 258 14.97 -7.95 11.38
N GLU A 259 14.50 -6.71 11.22
CA GLU A 259 13.54 -6.13 12.15
C GLU A 259 12.28 -6.98 12.22
N MSE A 260 12.00 -7.71 11.13
CA MSE A 260 10.83 -8.57 11.09
C MSE A 260 11.16 -9.97 11.58
O MSE A 260 10.35 -10.89 11.46
CB MSE A 260 10.29 -8.65 9.66
CG MSE A 260 9.74 -7.34 9.13
SE MSE A 260 9.14 -7.41 7.28
CE MSE A 260 7.41 -8.22 7.60
N GLY A 261 12.34 -10.11 12.16
CA GLY A 261 12.76 -11.39 12.69
C GLY A 261 13.28 -12.35 11.64
N PHE A 262 13.47 -11.87 10.42
CA PHE A 262 13.96 -12.74 9.36
C PHE A 262 15.47 -12.77 9.36
N GLU A 263 16.05 -13.91 9.04
CA GLU A 263 17.50 -14.07 8.96
C GLU A 263 17.91 -14.11 7.49
N THR A 264 18.88 -13.28 7.14
CA THR A 264 19.36 -13.23 5.76
C THR A 264 20.73 -13.90 5.62
N GLY A 265 21.47 -13.96 6.72
CA GLY A 265 22.78 -14.54 6.70
C GLY A 265 23.78 -13.59 6.07
N LEU A 266 23.44 -12.30 6.01
CA LEU A 266 24.32 -11.31 5.42
C LEU A 266 24.94 -10.42 6.49
N ASP A 267 26.11 -9.88 6.20
CA ASP A 267 26.81 -9.00 7.13
C ASP A 267 26.46 -7.54 6.77
N LEU A 268 25.71 -6.86 7.63
CA LEU A 268 25.32 -5.48 7.38
C LEU A 268 26.51 -4.56 7.19
N ASP A 269 27.51 -4.70 8.07
CA ASP A 269 28.71 -3.88 8.00
C ASP A 269 29.31 -4.02 6.61
N ARG A 270 29.57 -5.25 6.19
CA ARG A 270 30.14 -5.49 4.87
C ARG A 270 29.25 -4.85 3.82
N LEU A 271 27.94 -5.09 3.94
CA LEU A 271 26.98 -4.54 3.00
C LEU A 271 27.05 -3.01 2.91
N ARG A 272 27.14 -2.32 4.04
CA ARG A 272 27.20 -0.88 4.00
C ARG A 272 28.48 -0.44 3.31
N SER A 273 29.56 -1.14 3.63
CA SER A 273 30.86 -0.84 3.06
C SER A 273 30.81 -1.02 1.53
N ALA A 274 30.10 -2.05 1.09
CA ALA A 274 29.97 -2.32 -0.34
C ALA A 274 29.18 -1.19 -1.00
N GLY A 275 28.10 -0.78 -0.36
CA GLY A 275 27.29 0.30 -0.89
C GLY A 275 28.12 1.56 -1.09
N LEU A 276 28.89 1.93 -0.08
CA LEU A 276 29.72 3.12 -0.17
C LEU A 276 30.63 2.97 -1.38
N PHE A 277 31.12 1.75 -1.60
CA PHE A 277 32.00 1.50 -2.73
C PHE A 277 31.29 1.83 -4.03
N THR A 278 30.12 1.25 -4.24
CA THR A 278 29.37 1.48 -5.46
C THR A 278 29.06 2.96 -5.65
N GLN A 279 28.79 3.65 -4.55
CA GLN A 279 28.49 5.07 -4.62
C GLN A 279 29.65 5.84 -5.22
N ALA A 280 30.85 5.27 -5.12
CA ALA A 280 32.04 5.92 -5.67
C ALA A 280 32.07 5.81 -7.19
N LEU A 281 31.01 5.21 -7.74
CA LEU A 281 30.87 5.03 -9.19
C LEU A 281 29.45 5.43 -9.60
N ARG A 282 28.55 5.50 -8.62
CA ARG A 282 27.16 5.87 -8.88
C ARG A 282 27.07 7.34 -9.28
N GLN A 283 27.62 8.20 -8.43
CA GLN A 283 27.60 9.63 -8.68
C GLN A 283 28.61 10.01 -9.76
N ASP A 284 29.75 9.32 -9.73
CA ASP A 284 30.82 9.57 -10.70
C ASP A 284 31.71 8.36 -10.89
N ALA B 2 -11.27 -44.08 39.64
CA ALA B 2 -12.19 -42.91 39.52
C ALA B 2 -12.48 -42.56 38.06
N GLU B 3 -13.62 -41.93 37.83
CA GLU B 3 -14.02 -41.53 36.49
C GLU B 3 -13.25 -40.28 36.06
N HIS B 4 -12.72 -40.33 34.85
CA HIS B 4 -11.93 -39.24 34.29
C HIS B 4 -12.77 -38.21 33.50
N VAL B 5 -12.48 -36.93 33.70
CA VAL B 5 -13.18 -35.85 32.99
C VAL B 5 -12.14 -34.90 32.42
N GLU B 6 -12.22 -34.65 31.11
CA GLU B 6 -11.25 -33.77 30.47
C GLU B 6 -11.79 -32.36 30.19
N ILE B 7 -10.90 -31.39 30.18
CA ILE B 7 -11.32 -30.04 29.88
C ILE B 7 -10.42 -29.49 28.78
N VAL B 8 -11.03 -28.77 27.85
CA VAL B 8 -10.27 -28.19 26.76
C VAL B 8 -10.18 -26.72 27.14
N GLU B 9 -8.96 -26.20 27.22
CA GLU B 9 -8.77 -24.81 27.62
C GLU B 9 -9.12 -23.86 26.48
N MSE B 10 -9.87 -22.81 26.80
CA MSE B 10 -10.34 -21.82 25.85
C MSE B 10 -9.71 -20.45 25.94
O MSE B 10 -9.82 -19.66 25.02
CB MSE B 10 -11.83 -21.66 26.04
CG MSE B 10 -12.63 -22.94 25.97
SE MSE B 10 -12.99 -23.45 24.14
CE MSE B 10 -11.54 -24.75 23.91
N ALA B 11 -9.08 -20.15 27.07
CA ALA B 11 -8.48 -18.85 27.31
C ALA B 11 -7.65 -18.26 26.18
N ALA B 12 -6.81 -19.08 25.56
CA ALA B 12 -5.94 -18.62 24.48
C ALA B 12 -6.66 -18.13 23.25
N ARG B 13 -7.72 -18.82 22.85
CA ARG B 13 -8.46 -18.43 21.65
C ARG B 13 -9.82 -17.82 21.97
N ASP B 14 -10.74 -18.67 22.43
CA ASP B 14 -12.08 -18.23 22.79
C ASP B 14 -12.05 -17.08 23.81
N GLY B 15 -11.11 -17.14 24.75
CA GLY B 15 -11.02 -16.10 25.77
C GLY B 15 -10.54 -14.75 25.25
N LEU B 16 -9.36 -14.77 24.63
CA LEU B 16 -8.75 -13.58 24.07
C LEU B 16 -9.62 -12.96 22.95
N GLN B 17 -10.32 -13.80 22.22
CA GLN B 17 -11.20 -13.34 21.15
C GLN B 17 -12.31 -12.47 21.73
N ASN B 18 -12.81 -12.86 22.89
CA ASN B 18 -13.89 -12.16 23.57
C ASN B 18 -13.40 -11.16 24.59
N GLU B 19 -12.45 -10.33 24.15
CA GLU B 19 -11.86 -9.29 24.99
C GLU B 19 -11.61 -8.08 24.09
N LYS B 20 -12.06 -6.91 24.52
CA LYS B 20 -11.94 -5.68 23.74
C LYS B 20 -10.52 -5.09 23.72
N ARG B 21 -9.51 -5.94 23.61
CA ARG B 21 -8.14 -5.44 23.57
C ARG B 21 -7.22 -6.44 22.93
N PHE B 22 -6.07 -5.96 22.47
CA PHE B 22 -5.09 -6.83 21.84
C PHE B 22 -3.97 -7.16 22.81
N VAL B 23 -3.83 -8.44 23.12
CA VAL B 23 -2.79 -8.90 24.04
C VAL B 23 -1.50 -9.07 23.25
N PRO B 24 -0.41 -8.47 23.72
CA PRO B 24 0.88 -8.58 23.03
C PRO B 24 1.17 -10.04 22.70
N THR B 25 1.75 -10.27 21.52
CA THR B 25 2.07 -11.62 21.08
C THR B 25 2.90 -12.39 22.10
N ALA B 26 3.88 -11.71 22.67
CA ALA B 26 4.77 -12.30 23.67
C ALA B 26 3.95 -12.75 24.88
N ASP B 27 2.92 -11.98 25.21
CA ASP B 27 2.08 -12.29 26.35
C ASP B 27 1.19 -13.49 26.06
N LYS B 28 0.72 -13.60 24.82
CA LYS B 28 -0.12 -14.74 24.43
C LYS B 28 0.74 -16.00 24.57
N ILE B 29 1.96 -15.93 24.06
CA ILE B 29 2.89 -17.05 24.09
C ILE B 29 3.23 -17.46 25.52
N ALA B 30 3.44 -16.47 26.38
CA ALA B 30 3.74 -16.75 27.78
C ALA B 30 2.54 -17.42 28.44
N LEU B 31 1.35 -16.95 28.09
CA LEU B 31 0.12 -17.50 28.64
C LEU B 31 -0.10 -18.96 28.24
N ILE B 32 0.23 -19.28 26.99
CA ILE B 32 0.02 -20.64 26.48
C ILE B 32 1.03 -21.59 27.08
N ASN B 33 2.26 -21.11 27.27
CA ASN B 33 3.34 -21.90 27.86
C ASN B 33 2.97 -22.32 29.29
N ARG B 34 2.31 -21.44 30.04
CA ARG B 34 1.91 -21.79 31.40
C ARG B 34 0.82 -22.85 31.33
N LEU B 35 -0.17 -22.62 30.46
CA LEU B 35 -1.27 -23.57 30.35
C LEU B 35 -0.75 -24.95 30.00
N SER B 36 0.28 -25.01 29.16
CA SER B 36 0.85 -26.28 28.73
C SER B 36 1.43 -27.09 29.90
N ASP B 37 1.78 -26.41 30.97
CA ASP B 37 2.33 -27.08 32.14
C ASP B 37 1.23 -27.37 33.16
N CYS B 38 -0.02 -27.18 32.77
CA CYS B 38 -1.11 -27.41 33.70
C CYS B 38 -1.63 -28.85 33.69
N GLY B 39 -1.43 -29.56 32.58
CA GLY B 39 -1.86 -30.94 32.48
C GLY B 39 -2.93 -31.21 31.44
N TYR B 40 -3.26 -30.21 30.64
CA TYR B 40 -4.28 -30.34 29.59
C TYR B 40 -3.82 -31.32 28.52
N ALA B 41 -4.77 -31.98 27.86
CA ALA B 41 -4.42 -32.88 26.77
C ALA B 41 -4.59 -32.07 25.49
N ARG B 42 -5.54 -31.13 25.51
CA ARG B 42 -5.81 -30.30 24.36
C ARG B 42 -5.86 -28.81 24.74
N ILE B 43 -5.34 -27.97 23.87
CA ILE B 43 -5.35 -26.52 24.11
C ILE B 43 -5.57 -25.87 22.76
N GLU B 44 -6.55 -24.98 22.68
CA GLU B 44 -6.81 -24.30 21.41
C GLU B 44 -5.97 -23.03 21.42
N ALA B 45 -4.81 -23.11 20.76
CA ALA B 45 -3.82 -22.04 20.71
C ALA B 45 -4.21 -20.71 20.05
N THR B 46 -4.94 -20.78 18.94
CA THR B 46 -5.35 -19.57 18.24
C THR B 46 -6.38 -19.87 17.14
N SER B 47 -6.66 -18.86 16.33
CA SER B 47 -7.61 -19.00 15.25
C SER B 47 -7.05 -18.31 14.00
N PHE B 48 -7.26 -18.95 12.84
CA PHE B 48 -6.79 -18.40 11.57
C PHE B 48 -7.96 -17.79 10.82
N VAL B 49 -8.69 -16.92 11.49
CA VAL B 49 -9.83 -16.26 10.92
C VAL B 49 -9.47 -14.81 10.60
N SER B 50 -10.17 -14.23 9.63
CA SER B 50 -9.95 -12.85 9.18
C SER B 50 -9.53 -11.90 10.30
N PRO B 51 -8.36 -11.27 10.15
CA PRO B 51 -7.84 -10.31 11.14
C PRO B 51 -8.74 -9.10 11.30
N LYS B 52 -9.61 -8.86 10.31
CA LYS B 52 -10.52 -7.73 10.38
C LYS B 52 -11.77 -8.04 11.18
N TRP B 53 -12.14 -9.32 11.24
CA TRP B 53 -13.31 -9.73 11.99
C TRP B 53 -12.95 -10.06 13.42
N VAL B 54 -11.66 -10.29 13.67
CA VAL B 54 -11.17 -10.61 15.00
C VAL B 54 -9.67 -10.27 15.05
N PRO B 55 -9.34 -8.98 15.18
CA PRO B 55 -7.96 -8.52 15.25
C PRO B 55 -7.23 -9.04 16.47
N GLN B 56 -7.99 -9.42 17.49
CA GLN B 56 -7.38 -9.93 18.71
C GLN B 56 -6.40 -11.08 18.44
N LEU B 57 -6.67 -11.89 17.42
CA LEU B 57 -5.82 -13.05 17.13
C LEU B 57 -5.07 -12.96 15.80
N ALA B 58 -4.90 -11.74 15.30
CA ALA B 58 -4.20 -11.55 14.02
C ALA B 58 -2.78 -12.09 14.05
N ASP B 59 -2.22 -12.27 15.24
CA ASP B 59 -0.87 -12.80 15.38
C ASP B 59 -0.89 -14.32 15.57
N SER B 60 -1.91 -14.97 15.03
CA SER B 60 -2.05 -16.42 15.16
C SER B 60 -0.85 -17.18 14.63
N ARG B 61 -0.23 -16.64 13.59
CA ARG B 61 0.93 -17.26 12.96
C ARG B 61 2.17 -17.19 13.83
N GLU B 62 2.45 -16.03 14.42
CA GLU B 62 3.61 -15.88 15.30
C GLU B 62 3.42 -16.76 16.54
N VAL B 63 2.21 -16.73 17.10
CA VAL B 63 1.91 -17.51 18.29
C VAL B 63 2.30 -18.97 18.11
N MSE B 64 1.71 -19.63 17.11
CA MSE B 64 2.00 -21.04 16.84
C MSE B 64 3.47 -21.31 16.67
O MSE B 64 3.94 -22.41 16.93
CB MSE B 64 1.25 -21.51 15.58
CG MSE B 64 -0.28 -21.62 15.74
SE MSE B 64 -0.89 -22.82 17.16
CE MSE B 64 -0.45 -24.54 16.39
N ALA B 65 4.21 -20.29 16.23
CA ALA B 65 5.63 -20.43 16.01
C ALA B 65 6.46 -20.18 17.29
N GLY B 66 5.96 -19.33 18.17
CA GLY B 66 6.67 -19.03 19.40
C GLY B 66 6.41 -19.97 20.56
N ILE B 67 5.26 -20.62 20.53
CA ILE B 67 4.85 -21.54 21.58
C ILE B 67 5.79 -22.75 21.64
N ARG B 68 5.93 -23.36 22.81
CA ARG B 68 6.75 -24.55 22.91
C ARG B 68 5.80 -25.73 22.91
N ARG B 69 6.17 -26.79 22.20
CA ARG B 69 5.35 -28.00 22.12
C ARG B 69 5.70 -29.00 23.20
N ALA B 70 4.88 -29.10 24.23
CA ALA B 70 5.14 -30.05 25.31
C ALA B 70 5.20 -31.49 24.77
N ASP B 71 4.82 -31.65 23.51
CA ASP B 71 4.82 -32.95 22.83
C ASP B 71 3.82 -33.97 23.37
N GLY B 72 3.34 -33.77 24.60
CA GLY B 72 2.35 -34.66 25.16
C GLY B 72 1.01 -33.92 25.15
N VAL B 73 1.02 -32.74 24.53
CA VAL B 73 -0.16 -31.89 24.43
C VAL B 73 -0.51 -31.55 22.97
N ARG B 74 -1.78 -31.63 22.63
CA ARG B 74 -2.23 -31.32 21.29
C ARG B 74 -2.71 -29.88 21.20
N TYR B 75 -2.11 -29.12 20.29
CA TYR B 75 -2.46 -27.72 20.10
C TYR B 75 -3.32 -27.61 18.84
N SER B 76 -4.56 -27.18 19.04
CA SER B 76 -5.51 -27.04 17.94
C SER B 76 -5.76 -25.58 17.61
N VAL B 77 -6.32 -25.34 16.44
CA VAL B 77 -6.63 -23.98 16.02
C VAL B 77 -8.00 -24.00 15.31
N LEU B 78 -8.73 -22.90 15.45
CA LEU B 78 -10.05 -22.74 14.84
C LEU B 78 -9.85 -22.39 13.38
N VAL B 79 -10.65 -22.98 12.51
CA VAL B 79 -10.54 -22.77 11.06
C VAL B 79 -11.89 -22.41 10.46
N PRO B 80 -11.99 -21.21 9.86
CA PRO B 80 -13.22 -20.70 9.24
C PRO B 80 -13.47 -21.18 7.82
N ASN B 81 -12.40 -21.55 7.11
CA ASN B 81 -12.50 -21.98 5.73
C ASN B 81 -11.25 -22.69 5.26
N MSE B 82 -11.21 -23.02 3.97
CA MSE B 82 -10.06 -23.71 3.39
C MSE B 82 -8.77 -22.88 3.51
O MSE B 82 -7.71 -23.42 3.81
CB MSE B 82 -10.33 -24.06 1.94
CG MSE B 82 -9.37 -25.07 1.36
SE MSE B 82 -9.44 -26.77 2.29
CE MSE B 82 -10.76 -27.67 1.18
N LYS B 83 -8.88 -21.57 3.28
CA LYS B 83 -7.70 -20.71 3.38
C LYS B 83 -7.11 -20.84 4.79
N GLY B 84 -8.00 -20.93 5.77
CA GLY B 84 -7.57 -21.07 7.16
C GLY B 84 -6.94 -22.41 7.42
N TYR B 85 -7.49 -23.46 6.82
CA TYR B 85 -6.93 -24.78 7.02
C TYR B 85 -5.49 -24.83 6.56
N GLU B 86 -5.19 -24.20 5.43
CA GLU B 86 -3.83 -24.19 4.90
C GLU B 86 -2.88 -23.56 5.89
N ALA B 87 -3.28 -22.42 6.43
CA ALA B 87 -2.47 -21.71 7.42
C ALA B 87 -2.29 -22.61 8.65
N ALA B 88 -3.35 -23.31 9.04
CA ALA B 88 -3.27 -24.20 10.21
C ALA B 88 -2.27 -25.33 9.96
N ALA B 89 -2.26 -25.86 8.74
CA ALA B 89 -1.37 -26.94 8.37
C ALA B 89 0.07 -26.42 8.31
N ALA B 90 0.22 -25.17 7.89
CA ALA B 90 1.55 -24.54 7.81
C ALA B 90 2.09 -24.27 9.23
N ALA B 91 1.19 -23.92 10.15
CA ALA B 91 1.54 -23.64 11.53
C ALA B 91 1.74 -24.93 12.33
N HIS B 92 1.69 -26.07 11.64
CA HIS B 92 1.88 -27.36 12.31
C HIS B 92 0.88 -27.57 13.42
N ALA B 93 -0.40 -27.34 13.13
CA ALA B 93 -1.42 -27.53 14.13
C ALA B 93 -1.64 -29.03 14.30
N ASP B 94 -1.82 -29.47 15.54
CA ASP B 94 -2.03 -30.88 15.85
C ASP B 94 -3.45 -31.32 15.51
N GLU B 95 -4.40 -30.42 15.75
CA GLU B 95 -5.80 -30.68 15.50
C GLU B 95 -6.48 -29.42 14.98
N ILE B 96 -7.66 -29.61 14.43
CA ILE B 96 -8.48 -28.56 13.84
C ILE B 96 -9.83 -28.45 14.56
N ALA B 97 -10.47 -27.30 14.41
CA ALA B 97 -11.79 -27.06 15.01
C ALA B 97 -12.57 -26.13 14.08
N VAL B 98 -13.79 -26.54 13.74
CA VAL B 98 -14.65 -25.76 12.86
C VAL B 98 -15.85 -25.31 13.66
N PHE B 99 -16.56 -24.32 13.16
CA PHE B 99 -17.70 -23.81 13.90
C PHE B 99 -18.92 -23.49 13.07
N ILE B 100 -20.09 -23.72 13.65
CA ILE B 100 -21.37 -23.45 13.01
C ILE B 100 -22.36 -23.09 14.11
N SER B 101 -23.53 -22.62 13.72
CA SER B 101 -24.55 -22.25 14.69
C SER B 101 -25.81 -23.08 14.53
N ALA B 102 -26.52 -23.31 15.65
CA ALA B 102 -27.77 -24.07 15.61
C ALA B 102 -28.90 -23.07 15.34
N SER B 103 -28.58 -21.78 15.35
CA SER B 103 -29.55 -20.73 15.09
C SER B 103 -29.30 -20.03 13.74
N GLU B 104 -30.33 -20.01 12.89
CA GLU B 104 -30.24 -19.39 11.57
C GLU B 104 -29.91 -17.90 11.67
N GLY B 105 -30.53 -17.22 12.63
CA GLY B 105 -30.28 -15.79 12.78
C GLY B 105 -28.86 -15.47 13.21
N PHE B 106 -28.29 -16.31 14.07
CA PHE B 106 -26.94 -16.08 14.55
C PHE B 106 -25.92 -16.42 13.49
N SER B 107 -26.24 -17.42 12.68
CA SER B 107 -25.33 -17.83 11.60
C SER B 107 -25.13 -16.73 10.56
N LYS B 108 -26.22 -16.21 10.00
CA LYS B 108 -26.12 -15.17 8.99
C LYS B 108 -25.79 -13.83 9.61
N ALA B 109 -25.36 -13.84 10.87
CA ALA B 109 -25.00 -12.61 11.58
C ALA B 109 -23.58 -12.72 12.07
N ASN B 110 -23.11 -13.96 12.22
CA ASN B 110 -21.75 -14.23 12.70
C ASN B 110 -20.86 -14.75 11.56
N ILE B 111 -21.40 -15.68 10.78
CA ILE B 111 -20.67 -16.28 9.66
C ILE B 111 -21.15 -15.65 8.37
N ASN B 112 -22.26 -14.93 8.44
CA ASN B 112 -22.85 -14.28 7.29
C ASN B 112 -23.29 -15.28 6.21
N CYS B 113 -24.11 -16.25 6.62
CA CYS B 113 -24.65 -17.26 5.73
C CYS B 113 -25.56 -18.17 6.55
N THR B 114 -26.37 -18.98 5.86
CA THR B 114 -27.29 -19.90 6.52
C THR B 114 -26.59 -21.10 7.13
N ILE B 115 -27.28 -21.79 8.02
CA ILE B 115 -26.71 -22.96 8.65
C ILE B 115 -26.34 -24.01 7.61
N ALA B 116 -27.26 -24.29 6.69
CA ALA B 116 -27.02 -25.28 5.65
C ALA B 116 -25.81 -24.91 4.79
N GLU B 117 -25.68 -23.62 4.48
CA GLU B 117 -24.58 -23.11 3.67
C GLU B 117 -23.25 -23.20 4.41
N SER B 118 -23.28 -22.99 5.72
CA SER B 118 -22.07 -23.05 6.52
C SER B 118 -21.60 -24.51 6.61
N ILE B 119 -22.53 -25.45 6.50
CA ILE B 119 -22.18 -26.86 6.55
C ILE B 119 -21.58 -27.34 5.23
N GLU B 120 -22.13 -26.85 4.13
CA GLU B 120 -21.65 -27.21 2.80
C GLU B 120 -20.21 -26.77 2.55
N ARG B 121 -19.93 -25.52 2.87
CA ARG B 121 -18.61 -24.93 2.69
C ARG B 121 -17.59 -25.64 3.58
N LEU B 122 -18.04 -26.09 4.74
CA LEU B 122 -17.19 -26.77 5.70
C LEU B 122 -16.93 -28.22 5.32
N SER B 123 -17.73 -28.73 4.40
CA SER B 123 -17.59 -30.11 3.93
C SER B 123 -16.18 -30.40 3.37
N PRO B 124 -15.64 -29.48 2.54
CA PRO B 124 -14.32 -29.68 1.97
C PRO B 124 -13.15 -29.48 2.95
N VAL B 125 -13.27 -28.51 3.86
CA VAL B 125 -12.19 -28.27 4.80
C VAL B 125 -12.04 -29.47 5.74
N ILE B 126 -13.17 -30.03 6.17
CA ILE B 126 -13.15 -31.19 7.06
C ILE B 126 -12.57 -32.38 6.29
N GLY B 127 -12.83 -32.39 4.98
CA GLY B 127 -12.34 -33.46 4.15
C GLY B 127 -10.83 -33.35 4.02
N ALA B 128 -10.34 -32.14 3.81
CA ALA B 128 -8.91 -31.92 3.68
C ALA B 128 -8.19 -32.35 4.96
N ALA B 129 -8.77 -32.00 6.10
CA ALA B 129 -8.20 -32.34 7.40
C ALA B 129 -8.11 -33.86 7.61
N ILE B 130 -9.21 -34.56 7.37
CA ILE B 130 -9.24 -36.01 7.55
C ILE B 130 -8.20 -36.65 6.65
N ASN B 131 -7.99 -36.08 5.47
CA ASN B 131 -7.02 -36.60 4.54
C ASN B 131 -5.62 -36.48 5.14
N ASP B 132 -5.32 -35.34 5.76
CA ASP B 132 -4.01 -35.11 6.38
C ASP B 132 -3.88 -35.79 7.75
N GLY B 133 -4.88 -36.56 8.14
CA GLY B 133 -4.84 -37.24 9.42
C GLY B 133 -5.01 -36.35 10.63
N LEU B 134 -5.55 -35.15 10.45
CA LEU B 134 -5.78 -34.25 11.58
C LEU B 134 -7.16 -34.44 12.19
N ALA B 135 -7.22 -34.40 13.52
CA ALA B 135 -8.48 -34.57 14.22
C ALA B 135 -9.27 -33.26 14.13
N ILE B 136 -10.58 -33.37 13.89
CA ILE B 136 -11.41 -32.18 13.77
C ILE B 136 -12.62 -32.19 14.70
N ARG B 137 -12.78 -31.12 15.46
CA ARG B 137 -13.89 -30.99 16.39
C ARG B 137 -14.78 -29.89 15.83
N GLY B 138 -16.07 -29.99 16.10
CA GLY B 138 -16.98 -28.97 15.62
C GLY B 138 -17.62 -28.24 16.77
N TYR B 139 -17.82 -26.94 16.60
CA TYR B 139 -18.46 -26.08 17.59
C TYR B 139 -19.88 -25.78 17.11
N VAL B 140 -20.84 -25.81 18.03
CA VAL B 140 -22.22 -25.49 17.69
C VAL B 140 -22.67 -24.40 18.65
N SER B 141 -22.94 -23.21 18.13
CA SER B 141 -23.38 -22.10 18.98
C SER B 141 -24.89 -22.07 19.16
N CYS B 142 -25.34 -21.35 20.19
CA CYS B 142 -26.74 -21.19 20.49
C CYS B 142 -27.49 -22.51 20.67
N VAL B 143 -26.92 -23.43 21.44
CA VAL B 143 -27.56 -24.73 21.66
C VAL B 143 -28.77 -24.64 22.57
N VAL B 144 -28.94 -23.51 23.25
CA VAL B 144 -30.08 -23.34 24.14
C VAL B 144 -30.90 -22.12 23.75
N GLU B 145 -30.22 -21.01 23.50
CA GLU B 145 -30.91 -19.80 23.12
C GLU B 145 -30.03 -18.87 22.30
N CYS B 146 -30.64 -18.16 21.37
CA CYS B 146 -29.92 -17.26 20.48
C CYS B 146 -30.33 -15.83 20.75
N PRO B 147 -29.34 -14.91 20.83
CA PRO B 147 -29.69 -13.51 21.07
C PRO B 147 -30.51 -12.92 19.93
N TYR B 148 -30.76 -13.71 18.88
CA TYR B 148 -31.54 -13.22 17.75
C TYR B 148 -32.90 -13.91 17.60
N ASP B 149 -32.88 -15.24 17.53
CA ASP B 149 -34.11 -16.00 17.34
C ASP B 149 -34.71 -16.50 18.63
N GLY B 150 -34.10 -16.16 19.76
CA GLY B 150 -34.62 -16.61 21.05
C GLY B 150 -34.35 -18.09 21.24
N PRO B 151 -35.20 -18.80 22.00
CA PRO B 151 -34.94 -20.22 22.22
C PRO B 151 -34.72 -21.04 20.95
N VAL B 152 -33.85 -22.04 21.06
CA VAL B 152 -33.55 -22.91 19.95
C VAL B 152 -33.93 -24.34 20.34
N THR B 153 -34.77 -24.96 19.52
CA THR B 153 -35.26 -26.31 19.82
C THR B 153 -34.15 -27.36 19.91
N PRO B 154 -34.36 -28.40 20.74
CA PRO B 154 -33.34 -29.43 20.85
C PRO B 154 -33.10 -30.08 19.50
N GLN B 155 -34.18 -30.25 18.75
CA GLN B 155 -34.12 -30.85 17.42
C GLN B 155 -33.18 -30.09 16.49
N ALA B 156 -33.24 -28.77 16.52
CA ALA B 156 -32.39 -27.98 15.65
C ALA B 156 -30.93 -28.28 15.98
N VAL B 157 -30.61 -28.31 17.27
CA VAL B 157 -29.24 -28.59 17.72
C VAL B 157 -28.83 -30.01 17.34
N ALA B 158 -29.72 -30.98 17.50
CA ALA B 158 -29.38 -32.37 17.15
C ALA B 158 -29.19 -32.54 15.64
N SER B 159 -29.94 -31.76 14.86
CA SER B 159 -29.81 -31.83 13.41
C SER B 159 -28.40 -31.46 12.98
N VAL B 160 -27.98 -30.24 13.29
CA VAL B 160 -26.65 -29.79 12.90
C VAL B 160 -25.53 -30.60 13.53
N THR B 161 -25.75 -31.09 14.74
CA THR B 161 -24.73 -31.90 15.42
C THR B 161 -24.50 -33.22 14.67
N GLU B 162 -25.60 -33.80 14.19
CA GLU B 162 -25.57 -35.06 13.45
C GLU B 162 -24.89 -34.89 12.09
N GLN B 163 -25.05 -33.72 11.48
CA GLN B 163 -24.42 -33.46 10.19
C GLN B 163 -22.90 -33.19 10.37
N LEU B 164 -22.50 -32.59 11.49
CA LEU B 164 -21.08 -32.36 11.72
C LEU B 164 -20.38 -33.71 11.85
N PHE B 165 -20.91 -34.60 12.69
CA PHE B 165 -20.30 -35.92 12.84
C PHE B 165 -20.28 -36.70 11.53
N SER B 166 -21.37 -36.63 10.77
CA SER B 166 -21.43 -37.33 9.50
C SER B 166 -20.37 -36.86 8.49
N LEU B 167 -19.93 -35.61 8.64
CA LEU B 167 -18.92 -35.05 7.76
C LEU B 167 -17.55 -35.55 8.17
N GLY B 168 -17.38 -35.90 9.44
CA GLY B 168 -16.10 -36.40 9.92
C GLY B 168 -15.68 -35.99 11.32
N CYS B 169 -16.24 -34.92 11.85
CA CYS B 169 -15.89 -34.45 13.19
C CYS B 169 -15.89 -35.61 14.19
N HIS B 170 -14.85 -35.69 15.01
CA HIS B 170 -14.72 -36.75 16.01
C HIS B 170 -15.37 -36.32 17.33
N GLU B 171 -15.64 -35.02 17.46
CA GLU B 171 -16.24 -34.47 18.65
C GLU B 171 -16.94 -33.15 18.34
N VAL B 172 -18.03 -32.88 19.07
CA VAL B 172 -18.82 -31.68 18.91
C VAL B 172 -18.97 -31.02 20.28
N SER B 173 -18.77 -29.70 20.30
CA SER B 173 -18.87 -28.93 21.52
C SER B 173 -20.18 -28.16 21.44
N LEU B 174 -21.06 -28.42 22.39
CA LEU B 174 -22.37 -27.78 22.44
C LEU B 174 -22.22 -26.53 23.29
N GLY B 175 -22.18 -25.37 22.64
CA GLY B 175 -21.99 -24.14 23.39
C GLY B 175 -23.19 -23.26 23.66
N ASP B 176 -23.41 -22.96 24.94
CA ASP B 176 -24.51 -22.09 25.36
C ASP B 176 -24.04 -20.65 25.22
N THR B 177 -23.83 -20.25 23.98
CA THR B 177 -23.37 -18.92 23.56
C THR B 177 -23.64 -17.72 24.46
N ILE B 178 -24.89 -17.51 24.86
CA ILE B 178 -25.24 -16.37 25.71
C ILE B 178 -25.43 -16.73 27.18
N GLY B 179 -25.11 -17.97 27.52
CA GLY B 179 -25.26 -18.40 28.89
C GLY B 179 -26.64 -18.24 29.48
N ARG B 180 -27.67 -18.61 28.73
CA ARG B 180 -29.02 -18.50 29.23
C ARG B 180 -29.55 -19.88 29.55
N GLY B 181 -28.69 -20.88 29.44
CA GLY B 181 -29.11 -22.25 29.71
C GLY B 181 -29.28 -22.62 31.18
N THR B 182 -30.30 -23.42 31.46
CA THR B 182 -30.54 -23.88 32.83
C THR B 182 -30.49 -25.40 32.80
N PRO B 183 -30.43 -26.04 33.97
CA PRO B 183 -30.38 -27.49 34.00
C PRO B 183 -31.46 -28.15 33.13
N ASP B 184 -32.66 -27.54 33.10
CA ASP B 184 -33.76 -28.07 32.30
C ASP B 184 -33.55 -27.96 30.79
N THR B 185 -33.40 -26.74 30.28
CA THR B 185 -33.19 -26.54 28.84
C THR B 185 -32.00 -27.35 28.34
N VAL B 186 -30.90 -27.31 29.10
CA VAL B 186 -29.68 -28.04 28.76
C VAL B 186 -29.98 -29.54 28.70
N ALA B 187 -30.74 -30.04 29.66
CA ALA B 187 -31.08 -31.46 29.72
C ALA B 187 -31.93 -31.86 28.52
N ALA B 188 -32.82 -30.97 28.10
CA ALA B 188 -33.68 -31.27 26.96
C ALA B 188 -32.87 -31.26 25.67
N MSE B 189 -31.85 -30.43 25.63
CA MSE B 189 -31.00 -30.32 24.45
C MSE B 189 -30.16 -31.60 24.38
O MSE B 189 -30.16 -32.29 23.37
CB MSE B 189 -30.11 -29.06 24.57
CG MSE B 189 -29.11 -28.85 23.43
SE MSE B 189 -27.41 -29.79 23.65
CE MSE B 189 -26.77 -28.88 25.26
N LEU B 190 -29.45 -31.91 25.45
CA LEU B 190 -28.63 -33.12 25.47
C LEU B 190 -29.40 -34.37 25.06
N ASP B 191 -30.62 -34.53 25.57
CA ASP B 191 -31.42 -35.69 25.23
C ASP B 191 -31.58 -35.86 23.74
N ALA B 192 -31.84 -34.76 23.06
CA ALA B 192 -32.00 -34.79 21.62
C ALA B 192 -30.69 -35.20 20.97
N VAL B 193 -29.59 -34.57 21.38
CA VAL B 193 -28.28 -34.88 20.80
C VAL B 193 -27.86 -36.32 21.10
N LEU B 194 -28.08 -36.77 22.32
CA LEU B 194 -27.70 -38.12 22.71
C LEU B 194 -28.45 -39.16 21.89
N ALA B 195 -29.57 -38.77 21.30
CA ALA B 195 -30.32 -39.71 20.49
C ALA B 195 -29.64 -39.98 19.14
N ILE B 196 -28.72 -39.10 18.73
CA ILE B 196 -28.02 -39.30 17.45
C ILE B 196 -26.49 -39.28 17.56
N ALA B 197 -25.99 -39.34 18.79
CA ALA B 197 -24.56 -39.35 19.01
C ALA B 197 -24.27 -39.76 20.44
N PRO B 198 -23.21 -40.55 20.64
CA PRO B 198 -22.81 -41.01 21.98
C PRO B 198 -22.22 -39.88 22.80
N ALA B 199 -22.43 -39.96 24.11
CA ALA B 199 -21.95 -38.96 25.07
C ALA B 199 -20.44 -38.81 24.99
N HIS B 200 -19.78 -39.88 24.58
CA HIS B 200 -18.34 -39.94 24.45
C HIS B 200 -17.80 -38.87 23.51
N SER B 201 -18.55 -38.52 22.46
CA SER B 201 -18.07 -37.52 21.51
C SER B 201 -18.64 -36.13 21.72
N LEU B 202 -19.25 -35.90 22.87
CA LEU B 202 -19.84 -34.60 23.16
C LEU B 202 -19.06 -33.82 24.20
N ALA B 203 -18.97 -32.51 23.99
CA ALA B 203 -18.27 -31.66 24.94
C ALA B 203 -19.22 -30.54 25.30
N GLY B 204 -19.21 -30.17 26.58
CA GLY B 204 -20.06 -29.10 27.07
C GLY B 204 -19.30 -27.79 27.09
N HIS B 205 -19.94 -26.72 26.62
CA HIS B 205 -19.34 -25.39 26.53
C HIS B 205 -20.36 -24.39 27.10
N TYR B 206 -20.45 -24.32 28.43
CA TYR B 206 -21.43 -23.47 29.07
C TYR B 206 -20.94 -22.18 29.70
N HIS B 207 -21.46 -21.04 29.23
CA HIS B 207 -21.07 -19.77 29.81
C HIS B 207 -21.72 -19.63 31.18
N ASP B 208 -21.03 -18.92 32.06
CA ASP B 208 -21.48 -18.69 33.42
C ASP B 208 -22.15 -17.33 33.51
N THR B 209 -22.40 -16.74 32.36
CA THR B 209 -23.01 -15.42 32.29
C THR B 209 -24.24 -15.31 33.19
N GLY B 210 -24.98 -16.40 33.30
CA GLY B 210 -26.17 -16.40 34.15
C GLY B 210 -25.96 -17.10 35.48
N GLY B 211 -24.71 -17.43 35.79
CA GLY B 211 -24.41 -18.10 37.03
C GLY B 211 -24.82 -19.56 37.10
N ARG B 212 -25.12 -20.17 35.97
CA ARG B 212 -25.55 -21.57 35.98
C ARG B 212 -24.62 -22.56 35.30
N ALA B 213 -23.48 -22.08 34.83
CA ALA B 213 -22.51 -22.94 34.14
C ALA B 213 -22.18 -24.24 34.90
N LEU B 214 -21.85 -24.12 36.18
CA LEU B 214 -21.52 -25.29 36.99
C LEU B 214 -22.72 -26.21 37.17
N ASP B 215 -23.92 -25.64 37.14
CA ASP B 215 -25.13 -26.44 37.27
C ASP B 215 -25.37 -27.20 35.95
N ASN B 216 -25.16 -26.53 34.83
CA ASN B 216 -25.36 -27.17 33.54
C ASN B 216 -24.35 -28.28 33.29
N ILE B 217 -23.19 -28.16 33.94
CA ILE B 217 -22.15 -29.15 33.81
C ILE B 217 -22.55 -30.43 34.59
N ARG B 218 -23.12 -30.25 35.78
CA ARG B 218 -23.55 -31.39 36.58
C ARG B 218 -24.55 -32.23 35.79
N VAL B 219 -25.51 -31.55 35.17
CA VAL B 219 -26.53 -32.23 34.36
C VAL B 219 -25.87 -33.01 33.22
N SER B 220 -24.87 -32.39 32.60
CA SER B 220 -24.16 -33.03 31.49
C SER B 220 -23.40 -34.28 31.97
N LEU B 221 -22.86 -34.20 33.18
CA LEU B 221 -22.14 -35.32 33.77
C LEU B 221 -23.10 -36.47 34.02
N GLU B 222 -24.29 -36.12 34.51
CA GLU B 222 -25.35 -37.09 34.80
C GLU B 222 -25.83 -37.76 33.53
N LYS B 223 -25.73 -37.03 32.43
CA LYS B 223 -26.14 -37.53 31.12
C LYS B 223 -25.05 -38.35 30.44
N GLY B 224 -23.81 -38.23 30.92
CA GLY B 224 -22.72 -39.00 30.33
C GLY B 224 -21.54 -38.21 29.77
N LEU B 225 -21.69 -36.90 29.59
CA LEU B 225 -20.61 -36.09 29.06
C LEU B 225 -19.38 -36.11 29.96
N ARG B 226 -18.20 -36.25 29.36
CA ARG B 226 -16.97 -36.29 30.10
C ARG B 226 -15.92 -35.32 29.55
N VAL B 227 -16.39 -34.27 28.88
CA VAL B 227 -15.50 -33.26 28.34
C VAL B 227 -16.21 -31.93 28.44
N PHE B 228 -15.48 -30.89 28.84
CA PHE B 228 -16.06 -29.58 28.98
C PHE B 228 -15.04 -28.51 28.63
N ASP B 229 -15.52 -27.40 28.09
CA ASP B 229 -14.66 -26.29 27.69
C ASP B 229 -14.74 -25.18 28.73
N ALA B 230 -13.60 -24.62 29.10
CA ALA B 230 -13.55 -23.53 30.07
C ALA B 230 -12.30 -22.65 29.91
N SER B 231 -12.34 -21.45 30.48
CA SER B 231 -11.21 -20.51 30.45
C SER B 231 -10.60 -20.44 31.82
N VAL B 232 -9.30 -20.63 31.89
CA VAL B 232 -8.57 -20.63 33.16
C VAL B 232 -9.02 -19.54 34.13
N GLY B 233 -9.06 -18.29 33.69
CA GLY B 233 -9.49 -17.24 34.59
C GLY B 233 -10.78 -16.57 34.16
N GLY B 234 -11.60 -17.31 33.42
CA GLY B 234 -12.85 -16.75 32.93
C GLY B 234 -12.63 -15.80 31.77
N LEU B 235 -11.46 -15.89 31.14
CA LEU B 235 -11.14 -15.03 30.00
C LEU B 235 -12.21 -15.11 28.93
N GLY B 236 -12.50 -13.98 28.31
CA GLY B 236 -13.50 -13.91 27.26
C GLY B 236 -14.90 -13.75 27.83
N GLY B 237 -15.41 -12.52 27.83
CA GLY B 237 -16.74 -12.28 28.35
C GLY B 237 -17.83 -12.52 27.32
N CYS B 238 -18.95 -11.84 27.48
CA CYS B 238 -20.07 -11.95 26.54
C CYS B 238 -20.42 -10.57 25.99
N PRO B 239 -20.34 -10.40 24.68
CA PRO B 239 -20.63 -9.14 24.00
C PRO B 239 -22.05 -8.62 24.25
N PHE B 240 -22.99 -9.54 24.39
CA PHE B 240 -24.38 -9.19 24.64
C PHE B 240 -24.57 -8.80 26.10
N ALA B 241 -23.58 -9.13 26.92
CA ALA B 241 -23.61 -8.83 28.35
C ALA B 241 -22.22 -8.31 28.75
N PRO B 242 -21.87 -7.08 28.33
CA PRO B 242 -20.57 -6.49 28.65
C PRO B 242 -20.28 -6.46 30.15
N GLY B 243 -19.03 -6.74 30.51
CA GLY B 243 -18.66 -6.76 31.91
C GLY B 243 -19.12 -8.04 32.59
N ALA B 244 -20.26 -8.58 32.16
CA ALA B 244 -20.81 -9.81 32.74
C ALA B 244 -19.85 -10.98 32.56
N LYS B 245 -20.03 -12.04 33.35
CA LYS B 245 -19.17 -13.22 33.27
C LYS B 245 -19.32 -13.93 31.93
N GLY B 246 -18.20 -14.31 31.32
CA GLY B 246 -18.25 -15.00 30.02
C GLY B 246 -18.11 -16.49 30.22
N ASN B 247 -17.06 -17.06 29.66
CA ASN B 247 -16.79 -18.48 29.80
C ASN B 247 -16.73 -18.91 31.25
N VAL B 248 -17.01 -20.18 31.51
CA VAL B 248 -16.94 -20.69 32.87
C VAL B 248 -15.46 -20.78 33.26
N ASP B 249 -15.13 -20.34 34.47
CA ASP B 249 -13.74 -20.36 34.94
C ASP B 249 -13.21 -21.78 35.09
N THR B 250 -12.11 -22.10 34.39
CA THR B 250 -11.53 -23.44 34.44
C THR B 250 -11.27 -23.91 35.86
N VAL B 251 -10.79 -23.01 36.72
CA VAL B 251 -10.52 -23.36 38.12
C VAL B 251 -11.78 -23.85 38.81
N ALA B 252 -12.84 -23.04 38.75
CA ALA B 252 -14.10 -23.40 39.39
C ALA B 252 -14.58 -24.78 38.96
N VAL B 253 -14.42 -25.10 37.68
CA VAL B 253 -14.87 -26.38 37.14
C VAL B 253 -14.10 -27.57 37.71
N VAL B 254 -12.78 -27.47 37.75
CA VAL B 254 -11.94 -28.54 38.25
C VAL B 254 -12.08 -28.75 39.75
N GLU B 255 -12.26 -27.66 40.50
CA GLU B 255 -12.43 -27.77 41.94
C GLU B 255 -13.74 -28.49 42.26
N MSE B 256 -14.76 -28.27 41.43
CA MSE B 256 -16.05 -28.94 41.65
C MSE B 256 -15.95 -30.40 41.23
O MSE B 256 -16.40 -31.30 41.95
CB MSE B 256 -17.16 -28.26 40.83
CG MSE B 256 -18.51 -28.93 41.00
SE MSE B 256 -19.78 -28.59 39.57
CE MSE B 256 -19.24 -30.01 38.37
N LEU B 257 -15.37 -30.63 40.05
CA LEU B 257 -15.18 -31.95 39.49
C LEU B 257 -14.45 -32.90 40.45
N HIS B 258 -13.39 -32.40 41.07
CA HIS B 258 -12.63 -33.20 42.02
C HIS B 258 -13.49 -33.51 43.24
N GLU B 259 -14.24 -32.53 43.71
CA GLU B 259 -15.12 -32.73 44.86
C GLU B 259 -16.12 -33.85 44.56
N MSE B 260 -16.43 -34.05 43.28
CA MSE B 260 -17.36 -35.10 42.88
C MSE B 260 -16.64 -36.42 42.65
O MSE B 260 -17.23 -37.38 42.15
CB MSE B 260 -18.10 -34.69 41.60
CG MSE B 260 -19.01 -33.49 41.79
SE MSE B 260 -19.79 -32.95 40.13
CE MSE B 260 -21.32 -34.18 40.12
N GLY B 261 -15.37 -36.46 43.00
CA GLY B 261 -14.60 -37.67 42.83
C GLY B 261 -14.08 -37.86 41.43
N PHE B 262 -14.21 -36.84 40.58
CA PHE B 262 -13.71 -36.96 39.22
C PHE B 262 -12.24 -36.56 39.12
N GLU B 263 -11.50 -37.23 38.25
CA GLU B 263 -10.09 -36.90 38.05
C GLU B 263 -9.93 -36.15 36.73
N THR B 264 -9.25 -35.01 36.78
CA THR B 264 -9.03 -34.21 35.59
C THR B 264 -7.59 -34.32 35.10
N GLY B 265 -6.69 -34.66 36.03
CA GLY B 265 -5.30 -34.78 35.67
C GLY B 265 -4.67 -33.40 35.50
N LEU B 266 -5.30 -32.39 36.07
CA LEU B 266 -4.77 -31.03 35.98
C LEU B 266 -4.20 -30.60 37.33
N ASP B 267 -3.28 -29.64 37.30
CA ASP B 267 -2.64 -29.13 38.51
C ASP B 267 -3.34 -27.84 38.94
N LEU B 268 -4.09 -27.89 40.03
CA LEU B 268 -4.82 -26.71 40.51
C LEU B 268 -3.92 -25.51 40.74
N ASP B 269 -2.77 -25.74 41.36
CA ASP B 269 -1.81 -24.68 41.64
C ASP B 269 -1.44 -23.98 40.33
N ARG B 270 -0.98 -24.76 39.37
CA ARG B 270 -0.62 -24.21 38.07
C ARG B 270 -1.81 -23.45 37.50
N LEU B 271 -2.98 -24.07 37.54
CA LEU B 271 -4.20 -23.45 37.04
C LEU B 271 -4.49 -22.10 37.69
N ARG B 272 -4.38 -22.02 39.02
CA ARG B 272 -4.65 -20.76 39.68
C ARG B 272 -3.63 -19.72 39.23
N SER B 273 -2.37 -20.14 39.15
CA SER B 273 -1.30 -19.25 38.72
C SER B 273 -1.59 -18.73 37.31
N ALA B 274 -2.08 -19.61 36.45
CA ALA B 274 -2.41 -19.23 35.07
C ALA B 274 -3.55 -18.20 35.08
N GLY B 275 -4.56 -18.46 35.90
CA GLY B 275 -5.67 -17.54 35.99
C GLY B 275 -5.21 -16.15 36.37
N LEU B 276 -4.38 -16.07 37.40
CA LEU B 276 -3.86 -14.78 37.84
C LEU B 276 -3.16 -14.10 36.67
N PHE B 277 -2.46 -14.90 35.87
CA PHE B 277 -1.75 -14.35 34.74
C PHE B 277 -2.72 -13.67 33.78
N THR B 278 -3.75 -14.40 33.37
CA THR B 278 -4.74 -13.87 32.44
C THR B 278 -5.41 -12.63 33.00
N GLN B 279 -5.63 -12.61 34.32
CA GLN B 279 -6.26 -11.46 34.95
C GLN B 279 -5.42 -10.20 34.74
N ALA B 280 -4.12 -10.38 34.52
CA ALA B 280 -3.22 -9.26 34.29
C ALA B 280 -3.44 -8.66 32.91
N LEU B 281 -4.39 -9.23 32.18
CA LEU B 281 -4.73 -8.77 30.84
C LEU B 281 -6.25 -8.64 30.72
N ARG B 282 -6.97 -9.26 31.66
CA ARG B 282 -8.43 -9.22 31.68
C ARG B 282 -8.92 -7.83 32.05
N GLN B 283 -8.44 -7.33 33.17
CA GLN B 283 -8.83 -6.02 33.65
C GLN B 283 -8.13 -4.94 32.85
N ASP B 284 -6.87 -5.20 32.48
CA ASP B 284 -6.08 -4.24 31.71
C ASP B 284 -4.99 -4.94 30.92
N ALA C 2 1.39 47.47 -23.33
CA ALA C 2 1.77 46.54 -22.23
C ALA C 2 3.05 45.79 -22.54
N GLU C 3 3.75 45.36 -21.49
CA GLU C 3 5.00 44.62 -21.65
C GLU C 3 4.69 43.19 -22.06
N HIS C 4 5.42 42.70 -23.05
CA HIS C 4 5.24 41.35 -23.58
C HIS C 4 6.14 40.30 -22.92
N VAL C 5 5.57 39.13 -22.62
CA VAL C 5 6.32 38.03 -22.03
C VAL C 5 6.06 36.75 -22.83
N GLU C 6 7.13 36.10 -23.26
CA GLU C 6 6.95 34.89 -24.06
C GLU C 6 7.19 33.61 -23.26
N ILE C 7 6.55 32.54 -23.68
CA ILE C 7 6.76 31.27 -23.01
C ILE C 7 7.07 30.23 -24.06
N VAL C 8 8.01 29.36 -23.76
CA VAL C 8 8.39 28.31 -24.68
C VAL C 8 7.77 27.06 -24.07
N GLU C 9 6.90 26.40 -24.84
CA GLU C 9 6.21 25.20 -24.37
C GLU C 9 7.17 24.01 -24.26
N MSE C 10 7.08 23.27 -23.16
CA MSE C 10 7.96 22.14 -22.88
C MSE C 10 7.28 20.78 -22.87
O MSE C 10 7.95 19.75 -22.95
CB MSE C 10 8.59 22.34 -21.51
CG MSE C 10 9.32 23.67 -21.34
SE MSE C 10 11.12 23.61 -22.11
CE MSE C 10 10.75 24.44 -23.82
N ALA C 11 5.96 20.78 -22.76
CA ALA C 11 5.19 19.54 -22.71
C ALA C 11 5.59 18.47 -23.70
N ALA C 12 5.77 18.84 -24.96
CA ALA C 12 6.09 17.89 -26.00
C ALA C 12 7.42 17.17 -25.83
N ARG C 13 8.45 17.88 -25.38
CA ARG C 13 9.75 17.25 -25.22
C ARG C 13 10.11 17.05 -23.74
N ASP C 14 10.38 18.17 -23.06
CA ASP C 14 10.73 18.14 -21.63
C ASP C 14 9.67 17.44 -20.79
N GLY C 15 8.40 17.62 -21.14
CA GLY C 15 7.33 16.98 -20.39
C GLY C 15 7.25 15.48 -20.58
N LEU C 16 7.11 15.06 -21.83
CA LEU C 16 7.00 13.65 -22.18
C LEU C 16 8.26 12.88 -21.76
N GLN C 17 9.41 13.55 -21.82
CA GLN C 17 10.67 12.91 -21.45
C GLN C 17 10.64 12.51 -19.97
N ASN C 18 10.05 13.38 -19.16
CA ASN C 18 9.94 13.16 -17.72
C ASN C 18 8.63 12.48 -17.31
N GLU C 19 8.32 11.39 -18.00
CA GLU C 19 7.13 10.60 -17.75
C GLU C 19 7.51 9.14 -17.96
N LYS C 20 7.18 8.30 -16.98
CA LYS C 20 7.52 6.87 -17.03
C LYS C 20 6.65 6.05 -18.00
N ARG C 21 6.35 6.61 -19.17
CA ARG C 21 5.54 5.88 -20.14
C ARG C 21 5.75 6.42 -21.54
N PHE C 22 5.41 5.61 -22.53
CA PHE C 22 5.55 6.01 -23.91
C PHE C 22 4.19 6.41 -24.47
N VAL C 23 4.10 7.67 -24.88
CA VAL C 23 2.88 8.19 -25.47
C VAL C 23 2.89 7.83 -26.94
N PRO C 24 1.79 7.24 -27.44
CA PRO C 24 1.69 6.85 -28.85
C PRO C 24 2.08 8.02 -29.75
N THR C 25 2.75 7.72 -30.84
CA THR C 25 3.19 8.76 -31.76
C THR C 25 2.06 9.66 -32.21
N ALA C 26 0.93 9.03 -32.55
CA ALA C 26 -0.25 9.74 -32.99
C ALA C 26 -0.70 10.72 -31.92
N ASP C 27 -0.57 10.30 -30.66
CA ASP C 27 -0.97 11.15 -29.56
C ASP C 27 -0.02 12.33 -29.38
N LYS C 28 1.27 12.10 -29.61
CA LYS C 28 2.25 13.17 -29.48
C LYS C 28 1.92 14.22 -30.55
N ILE C 29 1.64 13.76 -31.76
CA ILE C 29 1.32 14.62 -32.88
C ILE C 29 0.04 15.42 -32.63
N ALA C 30 -0.95 14.77 -32.06
CA ALA C 30 -2.21 15.45 -31.75
C ALA C 30 -1.97 16.52 -30.68
N LEU C 31 -1.11 16.20 -29.74
CA LEU C 31 -0.79 17.13 -28.66
C LEU C 31 -0.06 18.37 -29.17
N ILE C 32 0.84 18.18 -30.11
CA ILE C 32 1.61 19.29 -30.66
C ILE C 32 0.74 20.19 -31.53
N ASN C 33 -0.17 19.58 -32.29
CA ASN C 33 -1.10 20.29 -33.17
C ASN C 33 -1.99 21.21 -32.34
N ARG C 34 -2.38 20.79 -31.14
CA ARG C 34 -3.21 21.66 -30.30
C ARG C 34 -2.37 22.82 -29.80
N LEU C 35 -1.19 22.51 -29.28
CA LEU C 35 -0.31 23.56 -28.78
C LEU C 35 -0.04 24.62 -29.87
N SER C 36 0.11 24.19 -31.11
CA SER C 36 0.37 25.08 -32.22
C SER C 36 -0.74 26.12 -32.45
N ASP C 37 -1.95 25.81 -32.00
CA ASP C 37 -3.07 26.71 -32.13
C ASP C 37 -3.23 27.53 -30.87
N CYS C 38 -2.27 27.46 -29.96
CA CYS C 38 -2.38 28.19 -28.71
C CYS C 38 -1.82 29.60 -28.77
N GLY C 39 -0.90 29.84 -29.71
CA GLY C 39 -0.33 31.17 -29.85
C GLY C 39 1.16 31.28 -29.55
N TYR C 40 1.81 30.14 -29.31
CA TYR C 40 3.24 30.11 -29.01
C TYR C 40 4.05 30.54 -30.21
N ALA C 41 5.22 31.12 -29.97
CA ALA C 41 6.09 31.51 -31.07
C ALA C 41 7.06 30.36 -31.24
N ARG C 42 7.40 29.71 -30.14
CA ARG C 42 8.33 28.58 -30.16
C ARG C 42 7.78 27.34 -29.43
N ILE C 43 8.03 26.18 -29.99
CA ILE C 43 7.60 24.93 -29.38
C ILE C 43 8.70 23.92 -29.61
N GLU C 44 9.10 23.24 -28.54
CA GLU C 44 10.16 22.25 -28.67
C GLU C 44 9.46 20.94 -28.92
N ALA C 45 9.39 20.56 -30.20
CA ALA C 45 8.69 19.36 -30.67
C ALA C 45 9.18 17.98 -30.24
N THR C 46 10.50 17.81 -30.12
CA THR C 46 11.08 16.54 -29.70
C THR C 46 12.58 16.64 -29.47
N SER C 47 13.22 15.49 -29.28
CA SER C 47 14.64 15.43 -29.05
C SER C 47 15.23 14.26 -29.85
N PHE C 48 16.40 14.48 -30.43
CA PHE C 48 17.08 13.47 -31.22
C PHE C 48 18.23 12.88 -30.40
N VAL C 49 17.89 12.43 -29.21
CA VAL C 49 18.86 11.85 -28.30
C VAL C 49 18.65 10.34 -28.25
N SER C 50 19.72 9.61 -27.94
CA SER C 50 19.71 8.15 -27.85
C SER C 50 18.39 7.57 -27.36
N PRO C 51 17.75 6.71 -28.16
CA PRO C 51 16.48 6.08 -27.80
C PRO C 51 16.61 5.19 -26.57
N LYS C 52 17.84 4.80 -26.24
CA LYS C 52 18.06 3.94 -25.09
C LYS C 52 18.14 4.75 -23.80
N TRP C 53 18.53 6.00 -23.91
CA TRP C 53 18.64 6.87 -22.75
C TRP C 53 17.33 7.61 -22.49
N VAL C 54 16.48 7.64 -23.51
CA VAL C 54 15.18 8.29 -23.41
C VAL C 54 14.27 7.71 -24.50
N PRO C 55 13.73 6.51 -24.26
CA PRO C 55 12.83 5.84 -25.20
C PRO C 55 11.53 6.60 -25.40
N GLN C 56 11.19 7.46 -24.45
CA GLN C 56 9.96 8.22 -24.55
C GLN C 56 9.87 9.02 -25.86
N LEU C 57 11.01 9.44 -26.40
CA LEU C 57 11.01 10.24 -27.63
C LEU C 57 11.68 9.56 -28.81
N ALA C 58 11.76 8.23 -28.77
CA ALA C 58 12.38 7.48 -29.85
C ALA C 58 11.70 7.73 -31.18
N ASP C 59 10.46 8.20 -31.16
CA ASP C 59 9.71 8.48 -32.38
C ASP C 59 9.85 9.94 -32.80
N SER C 60 10.96 10.56 -32.44
CA SER C 60 11.19 11.96 -32.76
C SER C 60 11.11 12.25 -34.25
N ARG C 61 11.55 11.29 -35.06
CA ARG C 61 11.56 11.41 -36.51
C ARG C 61 10.15 11.41 -37.09
N GLU C 62 9.30 10.48 -36.65
CA GLU C 62 7.93 10.42 -37.14
C GLU C 62 7.20 11.68 -36.71
N VAL C 63 7.39 12.07 -35.44
CA VAL C 63 6.71 13.25 -34.93
C VAL C 63 6.92 14.46 -35.83
N MSE C 64 8.18 14.84 -36.04
CA MSE C 64 8.52 16.00 -36.87
C MSE C 64 7.91 15.90 -38.26
O MSE C 64 7.65 16.92 -38.89
CB MSE C 64 10.04 16.16 -37.01
CG MSE C 64 10.75 16.62 -35.75
SE MSE C 64 10.03 18.28 -35.08
CE MSE C 64 10.88 19.55 -36.30
N ALA C 65 7.68 14.68 -38.71
CA ALA C 65 7.09 14.46 -40.03
C ALA C 65 5.56 14.51 -40.03
N GLY C 66 4.94 14.11 -38.92
CA GLY C 66 3.49 14.11 -38.82
C GLY C 66 2.86 15.43 -38.39
N ILE C 67 3.64 16.24 -37.68
CA ILE C 67 3.17 17.53 -37.18
C ILE C 67 2.85 18.48 -38.34
N ARG C 68 1.93 19.41 -38.11
CA ARG C 68 1.62 20.38 -39.14
C ARG C 68 2.35 21.65 -38.76
N ARG C 69 2.91 22.33 -39.76
CA ARG C 69 3.66 23.58 -39.53
C ARG C 69 2.80 24.80 -39.66
N ALA C 70 2.40 25.40 -38.54
CA ALA C 70 1.58 26.59 -38.60
C ALA C 70 2.25 27.71 -39.40
N ASP C 71 3.53 27.51 -39.71
CA ASP C 71 4.34 28.46 -40.47
C ASP C 71 4.62 29.79 -39.75
N GLY C 72 3.83 30.09 -38.72
CA GLY C 72 4.06 31.30 -37.95
C GLY C 72 4.66 30.86 -36.62
N VAL C 73 4.93 29.56 -36.51
CA VAL C 73 5.51 28.98 -35.30
C VAL C 73 6.82 28.25 -35.58
N ARG C 74 7.81 28.46 -34.72
CA ARG C 74 9.10 27.80 -34.86
C ARG C 74 9.15 26.53 -34.03
N TYR C 75 9.44 25.42 -34.69
CA TYR C 75 9.53 24.11 -34.03
C TYR C 75 10.99 23.74 -33.85
N SER C 76 11.44 23.69 -32.59
CA SER C 76 12.82 23.35 -32.28
C SER C 76 12.95 21.94 -31.70
N VAL C 77 14.17 21.43 -31.72
CA VAL C 77 14.42 20.10 -31.20
C VAL C 77 15.74 20.14 -30.41
N LEU C 78 15.81 19.31 -29.36
CA LEU C 78 16.98 19.21 -28.52
C LEU C 78 18.00 18.35 -29.24
N VAL C 79 19.28 18.75 -29.19
CA VAL C 79 20.35 18.03 -29.88
C VAL C 79 21.51 17.75 -28.95
N PRO C 80 21.83 16.47 -28.72
CA PRO C 80 22.92 16.03 -27.84
C PRO C 80 24.33 16.03 -28.45
N ASN C 81 24.39 15.90 -29.77
CA ASN C 81 25.67 15.86 -30.49
C ASN C 81 25.50 16.11 -31.97
N MSE C 82 26.58 15.96 -32.72
CA MSE C 82 26.55 16.19 -34.15
C MSE C 82 25.61 15.23 -34.86
O MSE C 82 24.87 15.63 -35.77
CB MSE C 82 27.96 16.09 -34.74
CG MSE C 82 28.09 16.66 -36.15
SE MSE C 82 27.75 18.63 -36.28
CE MSE C 82 29.52 19.24 -35.96
N LYS C 83 25.60 13.97 -34.44
CA LYS C 83 24.72 12.99 -35.06
C LYS C 83 23.27 13.48 -34.93
N GLY C 84 22.97 14.07 -33.78
CA GLY C 84 21.64 14.58 -33.53
C GLY C 84 21.33 15.78 -34.39
N TYR C 85 22.32 16.65 -34.58
CA TYR C 85 22.11 17.83 -35.40
C TYR C 85 21.71 17.45 -36.82
N GLU C 86 22.35 16.41 -37.37
CA GLU C 86 22.04 15.96 -38.72
C GLU C 86 20.57 15.53 -38.82
N ALA C 87 20.13 14.74 -37.85
CA ALA C 87 18.76 14.27 -37.82
C ALA C 87 17.84 15.48 -37.72
N ALA C 88 18.22 16.47 -36.92
CA ALA C 88 17.40 17.66 -36.74
C ALA C 88 17.27 18.43 -38.05
N ALA C 89 18.36 18.51 -38.78
CA ALA C 89 18.39 19.22 -40.06
C ALA C 89 17.55 18.46 -41.07
N ALA C 90 17.57 17.13 -40.98
CA ALA C 90 16.80 16.27 -41.87
C ALA C 90 15.31 16.39 -41.57
N ALA C 91 14.97 16.57 -40.30
CA ALA C 91 13.57 16.69 -39.88
C ALA C 91 13.05 18.10 -40.10
N HIS C 92 13.86 18.93 -40.75
CA HIS C 92 13.47 20.31 -41.03
C HIS C 92 13.14 21.08 -39.76
N ALA C 93 14.02 20.99 -38.78
CA ALA C 93 13.81 21.71 -37.54
C ALA C 93 14.06 23.20 -37.81
N ASP C 94 13.24 24.05 -37.21
CA ASP C 94 13.37 25.50 -37.39
C ASP C 94 14.48 26.07 -36.53
N GLU C 95 14.63 25.49 -35.34
CA GLU C 95 15.65 25.91 -34.39
C GLU C 95 16.20 24.71 -33.66
N ILE C 96 17.33 24.94 -33.00
CA ILE C 96 18.05 23.91 -32.26
C ILE C 96 18.19 24.31 -30.78
N ALA C 97 18.44 23.33 -29.93
CA ALA C 97 18.62 23.55 -28.50
C ALA C 97 19.63 22.54 -27.97
N VAL C 98 20.64 23.03 -27.27
CA VAL C 98 21.67 22.17 -26.71
C VAL C 98 21.59 22.26 -25.19
N PHE C 99 22.21 21.30 -24.51
CA PHE C 99 22.13 21.30 -23.06
C PHE C 99 23.43 20.98 -22.34
N ILE C 100 23.60 21.59 -21.17
CA ILE C 100 24.77 21.37 -20.35
C ILE C 100 24.33 21.62 -18.90
N SER C 101 25.19 21.29 -17.96
CA SER C 101 24.86 21.47 -16.57
C SER C 101 25.84 22.43 -15.90
N ALA C 102 25.37 23.13 -14.87
CA ALA C 102 26.22 24.06 -14.12
C ALA C 102 26.87 23.26 -12.99
N SER C 103 26.43 22.01 -12.81
CA SER C 103 26.99 21.14 -11.79
C SER C 103 27.80 19.98 -12.37
N GLU C 104 29.06 19.89 -11.95
CA GLU C 104 29.98 18.84 -12.39
C GLU C 104 29.45 17.43 -12.10
N GLY C 105 28.86 17.25 -10.92
CA GLY C 105 28.33 15.96 -10.55
C GLY C 105 27.14 15.52 -11.40
N PHE C 106 26.30 16.48 -11.75
CA PHE C 106 25.13 16.18 -12.56
C PHE C 106 25.51 15.95 -14.01
N SER C 107 26.56 16.64 -14.45
CA SER C 107 27.01 16.50 -15.84
C SER C 107 27.54 15.09 -16.11
N LYS C 108 28.50 14.65 -15.30
CA LYS C 108 29.07 13.32 -15.49
C LYS C 108 28.12 12.23 -15.02
N ALA C 109 26.87 12.59 -14.79
CA ALA C 109 25.84 11.64 -14.34
C ALA C 109 24.69 11.62 -15.33
N ASN C 110 24.54 12.72 -16.07
CA ASN C 110 23.48 12.87 -17.05
C ASN C 110 24.02 12.80 -18.48
N ILE C 111 25.13 13.49 -18.71
CA ILE C 111 25.77 13.52 -20.03
C ILE C 111 26.98 12.59 -20.03
N ASN C 112 27.36 12.17 -18.83
CA ASN C 112 28.51 11.29 -18.65
C ASN C 112 29.83 11.92 -19.12
N CYS C 113 30.09 13.12 -18.63
CA CYS C 113 31.32 13.85 -18.94
C CYS C 113 31.33 15.13 -18.12
N THR C 114 32.47 15.79 -18.04
CA THR C 114 32.59 17.03 -17.27
C THR C 114 31.93 18.21 -17.99
N ILE C 115 31.73 19.28 -17.25
CA ILE C 115 31.13 20.47 -17.83
C ILE C 115 31.97 21.00 -18.98
N ALA C 116 33.28 21.13 -18.76
CA ALA C 116 34.18 21.64 -19.78
C ALA C 116 34.16 20.77 -21.04
N GLU C 117 34.08 19.46 -20.83
CA GLU C 117 34.07 18.50 -21.93
C GLU C 117 32.76 18.58 -22.70
N SER C 118 31.67 18.85 -22.01
CA SER C 118 30.37 18.95 -22.67
C SER C 118 30.34 20.23 -23.52
N ILE C 119 31.11 21.23 -23.11
CA ILE C 119 31.15 22.49 -23.84
C ILE C 119 32.00 22.36 -25.11
N GLU C 120 33.10 21.63 -25.01
CA GLU C 120 33.99 21.43 -26.14
C GLU C 120 33.32 20.67 -27.28
N ARG C 121 32.70 19.55 -26.92
CA ARG C 121 32.00 18.71 -27.88
C ARG C 121 30.85 19.47 -28.54
N LEU C 122 30.24 20.37 -27.78
CA LEU C 122 29.12 21.16 -28.26
C LEU C 122 29.58 22.32 -29.16
N SER C 123 30.87 22.63 -29.10
CA SER C 123 31.42 23.71 -29.92
C SER C 123 31.18 23.51 -31.41
N PRO C 124 31.37 22.28 -31.92
CA PRO C 124 31.17 22.01 -33.35
C PRO C 124 29.70 21.94 -33.77
N VAL C 125 28.84 21.38 -32.92
CA VAL C 125 27.43 21.28 -33.28
C VAL C 125 26.83 22.67 -33.39
N ILE C 126 27.18 23.56 -32.46
CA ILE C 126 26.66 24.91 -32.47
C ILE C 126 27.20 25.64 -33.69
N GLY C 127 28.41 25.27 -34.10
CA GLY C 127 29.03 25.87 -35.26
C GLY C 127 28.30 25.46 -36.52
N ALA C 128 27.96 24.17 -36.61
CA ALA C 128 27.26 23.64 -37.77
C ALA C 128 25.90 24.33 -37.90
N ALA C 129 25.23 24.54 -36.77
CA ALA C 129 23.91 25.18 -36.75
C ALA C 129 23.97 26.61 -37.24
N ILE C 130 24.92 27.37 -36.70
CA ILE C 130 25.08 28.76 -37.08
C ILE C 130 25.34 28.87 -38.58
N ASN C 131 26.09 27.90 -39.09
CA ASN C 131 26.42 27.87 -40.51
C ASN C 131 25.14 27.70 -41.34
N ASP C 132 24.25 26.81 -40.91
CA ASP C 132 23.01 26.56 -41.60
C ASP C 132 21.94 27.62 -41.30
N GLY C 133 22.32 28.66 -40.56
CA GLY C 133 21.36 29.71 -40.25
C GLY C 133 20.29 29.34 -39.24
N LEU C 134 20.52 28.28 -38.47
CA LEU C 134 19.53 27.87 -37.45
C LEU C 134 19.81 28.55 -36.11
N ALA C 135 18.75 28.96 -35.43
CA ALA C 135 18.90 29.61 -34.13
C ALA C 135 19.17 28.52 -33.09
N ILE C 136 20.07 28.78 -32.14
CA ILE C 136 20.40 27.79 -31.12
C ILE C 136 20.30 28.35 -29.71
N ARG C 137 19.56 27.64 -28.86
CA ARG C 137 19.39 28.05 -27.47
C ARG C 137 20.11 27.02 -26.62
N GLY C 138 20.62 27.45 -25.48
CA GLY C 138 21.30 26.52 -24.61
C GLY C 138 20.56 26.35 -23.31
N TYR C 139 20.56 25.13 -22.78
CA TYR C 139 19.94 24.80 -21.51
C TYR C 139 21.05 24.64 -20.47
N VAL C 140 20.83 25.17 -19.27
CA VAL C 140 21.79 25.03 -18.20
C VAL C 140 21.03 24.43 -17.01
N SER C 141 21.39 23.22 -16.62
CA SER C 141 20.72 22.58 -15.49
C SER C 141 21.38 22.88 -14.13
N CYS C 142 20.64 22.65 -13.06
CA CYS C 142 21.13 22.87 -11.71
C CYS C 142 21.65 24.29 -11.51
N VAL C 143 20.86 25.28 -11.90
CA VAL C 143 21.28 26.66 -11.72
C VAL C 143 21.18 27.13 -10.26
N VAL C 144 20.48 26.36 -9.43
CA VAL C 144 20.35 26.73 -8.02
C VAL C 144 20.88 25.62 -7.13
N GLU C 145 20.54 24.38 -7.43
CA GLU C 145 21.01 23.28 -6.61
C GLU C 145 21.01 21.97 -7.40
N CYS C 146 21.97 21.11 -7.08
CA CYS C 146 22.12 19.85 -7.76
C CYS C 146 21.83 18.70 -6.82
N PRO C 147 21.07 17.70 -7.28
CA PRO C 147 20.79 16.57 -6.41
C PRO C 147 22.05 15.80 -6.06
N TYR C 148 23.18 16.21 -6.61
CA TYR C 148 24.45 15.52 -6.34
C TYR C 148 25.45 16.36 -5.55
N ASP C 149 25.75 17.56 -6.04
CA ASP C 149 26.72 18.42 -5.38
C ASP C 149 26.08 19.44 -4.44
N GLY C 150 24.76 19.40 -4.31
CA GLY C 150 24.09 20.35 -3.44
C GLY C 150 24.06 21.72 -4.08
N PRO C 151 23.99 22.80 -3.28
CA PRO C 151 23.95 24.15 -3.87
C PRO C 151 25.03 24.43 -4.92
N VAL C 152 24.67 25.20 -5.93
CA VAL C 152 25.60 25.57 -6.99
C VAL C 152 25.74 27.09 -6.96
N THR C 153 26.98 27.56 -6.85
CA THR C 153 27.27 28.98 -6.79
C THR C 153 26.81 29.77 -8.01
N PRO C 154 26.42 31.05 -7.81
CA PRO C 154 25.98 31.87 -8.94
C PRO C 154 27.07 31.94 -9.99
N GLN C 155 28.31 32.04 -9.52
CA GLN C 155 29.48 32.12 -10.40
C GLN C 155 29.60 30.94 -11.33
N ALA C 156 29.35 29.73 -10.82
CA ALA C 156 29.45 28.55 -11.66
C ALA C 156 28.44 28.66 -12.78
N VAL C 157 27.21 29.06 -12.47
CA VAL C 157 26.17 29.22 -13.49
C VAL C 157 26.56 30.31 -14.49
N ALA C 158 27.05 31.45 -14.00
CA ALA C 158 27.43 32.55 -14.90
C ALA C 158 28.60 32.14 -15.81
N SER C 159 29.47 31.28 -15.31
CA SER C 159 30.60 30.83 -16.12
C SER C 159 30.14 30.09 -17.34
N VAL C 160 29.42 28.99 -17.14
CA VAL C 160 28.92 28.18 -18.25
C VAL C 160 27.94 28.94 -19.13
N THR C 161 27.17 29.87 -18.56
CA THR C 161 26.21 30.64 -19.35
C THR C 161 26.96 31.53 -20.33
N GLU C 162 28.04 32.13 -19.86
CA GLU C 162 28.89 33.03 -20.66
C GLU C 162 29.59 32.28 -21.80
N GLN C 163 29.95 31.02 -21.55
CA GLN C 163 30.61 30.22 -22.56
C GLN C 163 29.62 29.75 -23.62
N LEU C 164 28.37 29.51 -23.24
CA LEU C 164 27.38 29.10 -24.24
C LEU C 164 27.14 30.27 -25.20
N PHE C 165 26.91 31.47 -24.67
CA PHE C 165 26.69 32.62 -25.54
C PHE C 165 27.88 32.87 -26.44
N SER C 166 29.09 32.79 -25.88
CA SER C 166 30.30 33.00 -26.67
C SER C 166 30.46 32.02 -27.83
N LEU C 167 29.87 30.83 -27.72
CA LEU C 167 29.93 29.83 -28.75
C LEU C 167 28.94 30.16 -29.85
N GLY C 168 27.88 30.88 -29.50
CA GLY C 168 26.89 31.24 -30.50
C GLY C 168 25.43 31.26 -30.07
N CYS C 169 25.10 30.56 -29.00
CA CYS C 169 23.73 30.52 -28.51
C CYS C 169 23.15 31.93 -28.45
N HIS C 170 21.92 32.10 -28.94
CA HIS C 170 21.25 33.39 -28.92
C HIS C 170 20.44 33.57 -27.63
N GLU C 171 20.25 32.46 -26.92
CA GLU C 171 19.48 32.46 -25.69
C GLU C 171 19.86 31.28 -24.80
N VAL C 172 19.80 31.50 -23.50
CA VAL C 172 20.11 30.49 -22.50
C VAL C 172 18.96 30.37 -21.51
N SER C 173 18.56 29.13 -21.25
CA SER C 173 17.48 28.84 -20.34
C SER C 173 18.12 28.36 -19.03
N LEU C 174 17.87 29.10 -17.96
CA LEU C 174 18.41 28.77 -16.65
C LEU C 174 17.42 27.88 -15.94
N GLY C 175 17.71 26.58 -15.87
CA GLY C 175 16.75 25.67 -15.27
C GLY C 175 17.00 25.18 -13.86
N ASP C 176 16.02 25.41 -12.97
CA ASP C 176 16.11 24.95 -11.59
C ASP C 176 15.66 23.48 -11.57
N THR C 177 16.53 22.64 -12.15
CA THR C 177 16.36 21.19 -12.29
C THR C 177 15.54 20.43 -11.24
N ILE C 178 15.84 20.62 -9.95
CA ILE C 178 15.11 19.91 -8.90
C ILE C 178 14.08 20.77 -8.19
N GLY C 179 13.87 21.98 -8.70
CA GLY C 179 12.90 22.86 -8.08
C GLY C 179 13.15 23.17 -6.62
N ARG C 180 14.39 23.45 -6.26
CA ARG C 180 14.68 23.80 -4.87
C ARG C 180 14.97 25.29 -4.76
N GLY C 181 14.79 26.00 -5.88
CA GLY C 181 15.07 27.43 -5.87
C GLY C 181 14.04 28.32 -5.19
N THR C 182 14.51 29.33 -4.48
CA THR C 182 13.60 30.26 -3.82
C THR C 182 13.88 31.65 -4.39
N PRO C 183 13.01 32.62 -4.11
CA PRO C 183 13.24 33.97 -4.64
C PRO C 183 14.65 34.48 -4.37
N ASP C 184 15.23 34.12 -3.22
CA ASP C 184 16.58 34.57 -2.86
C ASP C 184 17.68 33.90 -3.70
N THR C 185 17.75 32.57 -3.64
CA THR C 185 18.79 31.87 -4.40
C THR C 185 18.69 32.19 -5.89
N VAL C 186 17.47 32.22 -6.41
CA VAL C 186 17.22 32.55 -7.80
C VAL C 186 17.73 33.96 -8.11
N ALA C 187 17.44 34.90 -7.21
CA ALA C 187 17.87 36.28 -7.39
C ALA C 187 19.38 36.42 -7.40
N ALA C 188 20.05 35.63 -6.57
CA ALA C 188 21.52 35.68 -6.50
C ALA C 188 22.14 35.04 -7.74
N MSE C 189 21.45 34.08 -8.31
CA MSE C 189 21.92 33.43 -9.51
C MSE C 189 21.77 34.40 -10.68
O MSE C 189 22.74 34.69 -11.39
CB MSE C 189 21.14 32.14 -9.75
CG MSE C 189 21.46 31.35 -11.02
SE MSE C 189 20.51 31.96 -12.59
CE MSE C 189 18.70 31.57 -12.08
N LEU C 190 20.58 34.94 -10.86
CA LEU C 190 20.34 35.89 -11.95
C LEU C 190 21.35 37.05 -11.92
N ASP C 191 21.62 37.60 -10.74
CA ASP C 191 22.54 38.72 -10.62
C ASP C 191 23.89 38.40 -11.24
N ALA C 192 24.38 37.20 -10.97
CA ALA C 192 25.65 36.78 -11.52
C ALA C 192 25.54 36.70 -13.03
N VAL C 193 24.49 36.04 -13.53
CA VAL C 193 24.31 35.89 -14.97
C VAL C 193 24.08 37.22 -15.68
N LEU C 194 23.32 38.11 -15.07
CA LEU C 194 23.03 39.41 -15.66
C LEU C 194 24.30 40.23 -15.79
N ALA C 195 25.33 39.87 -15.04
CA ALA C 195 26.57 40.61 -15.10
C ALA C 195 27.35 40.26 -16.39
N ILE C 196 27.05 39.13 -17.01
CA ILE C 196 27.75 38.75 -18.25
C ILE C 196 26.82 38.49 -19.44
N ALA C 197 25.56 38.86 -19.29
CA ALA C 197 24.60 38.68 -20.37
C ALA C 197 23.36 39.49 -20.08
N PRO C 198 22.76 40.08 -21.12
CA PRO C 198 21.54 40.89 -21.00
C PRO C 198 20.33 40.02 -20.72
N ALA C 199 19.39 40.57 -19.96
CA ALA C 199 18.17 39.86 -19.58
C ALA C 199 17.38 39.41 -20.81
N HIS C 200 17.57 40.14 -21.89
CA HIS C 200 16.91 39.87 -23.16
C HIS C 200 17.17 38.47 -23.67
N SER C 201 18.35 37.93 -23.42
CA SER C 201 18.67 36.61 -23.91
C SER C 201 18.57 35.50 -22.87
N LEU C 202 17.90 35.79 -21.76
CA LEU C 202 17.77 34.81 -20.69
C LEU C 202 16.36 34.29 -20.59
N ALA C 203 16.22 32.99 -20.33
CA ALA C 203 14.91 32.41 -20.16
C ALA C 203 14.89 31.67 -18.83
N GLY C 204 13.76 31.77 -18.13
CA GLY C 204 13.61 31.10 -16.85
C GLY C 204 12.93 29.75 -17.03
N HIS C 205 13.45 28.75 -16.34
CA HIS C 205 12.94 27.37 -16.40
C HIS C 205 12.85 26.86 -14.96
N TYR C 206 11.80 27.26 -14.26
CA TYR C 206 11.66 26.88 -12.86
C TYR C 206 10.63 25.81 -12.53
N HIS C 207 11.08 24.70 -11.94
CA HIS C 207 10.16 23.65 -11.55
C HIS C 207 9.37 24.11 -10.35
N ASP C 208 8.14 23.62 -10.26
CA ASP C 208 7.22 23.97 -9.19
C ASP C 208 7.25 22.87 -8.14
N THR C 209 8.20 21.97 -8.27
CA THR C 209 8.36 20.85 -7.34
C THR C 209 8.25 21.29 -5.89
N GLY C 210 8.77 22.48 -5.59
CA GLY C 210 8.72 22.99 -4.23
C GLY C 210 7.64 24.04 -4.04
N GLY C 211 6.79 24.21 -5.04
CA GLY C 211 5.72 25.20 -4.95
C GLY C 211 6.17 26.65 -5.07
N ARG C 212 7.40 26.88 -5.52
CA ARG C 212 7.89 28.25 -5.64
C ARG C 212 8.13 28.75 -7.06
N ALA C 213 7.80 27.94 -8.06
CA ALA C 213 7.99 28.31 -9.46
C ALA C 213 7.45 29.70 -9.82
N LEU C 214 6.19 29.97 -9.46
CA LEU C 214 5.56 31.26 -9.75
C LEU C 214 6.25 32.40 -9.00
N ASP C 215 6.81 32.09 -7.84
CA ASP C 215 7.52 33.10 -7.07
C ASP C 215 8.87 33.40 -7.74
N ASN C 216 9.53 32.36 -8.21
CA ASN C 216 10.83 32.54 -8.85
C ASN C 216 10.69 33.29 -10.17
N ILE C 217 9.53 33.16 -10.79
CA ILE C 217 9.24 33.85 -12.03
C ILE C 217 9.06 35.36 -11.77
N ARG C 218 8.37 35.70 -10.69
CA ARG C 218 8.15 37.12 -10.35
C ARG C 218 9.50 37.82 -10.15
N VAL C 219 10.41 37.16 -9.45
CA VAL C 219 11.73 37.71 -9.23
C VAL C 219 12.46 37.91 -10.56
N SER C 220 12.34 36.93 -11.45
CA SER C 220 12.97 37.01 -12.78
C SER C 220 12.40 38.17 -13.60
N LEU C 221 11.10 38.42 -13.45
CA LEU C 221 10.43 39.51 -14.15
C LEU C 221 10.99 40.84 -13.64
N GLU C 222 11.16 40.92 -12.32
CA GLU C 222 11.68 42.10 -11.65
C GLU C 222 13.10 42.38 -12.04
N LYS C 223 13.80 41.32 -12.44
CA LYS C 223 15.20 41.40 -12.87
C LYS C 223 15.32 41.73 -14.35
N GLY C 224 14.24 41.54 -15.10
CA GLY C 224 14.29 41.84 -16.53
C GLY C 224 13.95 40.70 -17.49
N LEU C 225 13.94 39.46 -17.00
CA LEU C 225 13.62 38.33 -17.86
C LEU C 225 12.21 38.42 -18.45
N ARG C 226 12.11 38.12 -19.75
CA ARG C 226 10.83 38.18 -20.43
C ARG C 226 10.53 36.90 -21.20
N VAL C 227 11.12 35.80 -20.76
CA VAL C 227 10.91 34.51 -21.39
C VAL C 227 10.94 33.44 -20.29
N PHE C 228 10.03 32.50 -20.37
CA PHE C 228 9.97 31.44 -19.37
C PHE C 228 9.49 30.15 -20.01
N ASP C 229 9.99 29.04 -19.50
CA ASP C 229 9.63 27.72 -20.02
C ASP C 229 8.63 27.06 -19.08
N ALA C 230 7.60 26.44 -19.64
CA ALA C 230 6.58 25.77 -18.85
C ALA C 230 5.86 24.67 -19.65
N SER C 231 5.17 23.76 -18.95
CA SER C 231 4.42 22.68 -19.59
C SER C 231 2.95 22.95 -19.42
N VAL C 232 2.22 22.90 -20.52
CA VAL C 232 0.80 23.18 -20.54
C VAL C 232 0.03 22.59 -19.35
N GLY C 233 0.20 21.30 -19.09
CA GLY C 233 -0.52 20.71 -17.97
C GLY C 233 0.42 20.21 -16.89
N GLY C 234 1.60 20.81 -16.81
CA GLY C 234 2.57 20.38 -15.83
C GLY C 234 3.22 19.07 -16.22
N LEU C 235 3.13 18.71 -17.50
CA LEU C 235 3.73 17.46 -17.98
C LEU C 235 5.19 17.38 -17.63
N GLY C 236 5.63 16.17 -17.30
CA GLY C 236 7.01 15.95 -16.94
C GLY C 236 7.28 16.25 -15.47
N GLY C 237 7.33 15.21 -14.65
CA GLY C 237 7.58 15.42 -13.23
C GLY C 237 9.07 15.50 -12.91
N CYS C 238 9.41 15.14 -11.67
CA CYS C 238 10.80 15.15 -11.23
C CYS C 238 11.17 13.75 -10.73
N PRO C 239 12.18 13.14 -11.35
CA PRO C 239 12.65 11.80 -10.99
C PRO C 239 13.13 11.68 -9.54
N PHE C 240 13.67 12.77 -9.01
CA PHE C 240 14.17 12.78 -7.65
C PHE C 240 13.01 12.96 -6.67
N ALA C 241 11.86 13.34 -7.21
CA ALA C 241 10.64 13.55 -6.41
C ALA C 241 9.46 12.95 -7.18
N PRO C 242 9.39 11.61 -7.25
CA PRO C 242 8.31 10.92 -7.97
C PRO C 242 6.93 11.36 -7.51
N GLY C 243 6.00 11.49 -8.45
CA GLY C 243 4.66 11.90 -8.11
C GLY C 243 4.59 13.41 -7.86
N ALA C 244 5.66 13.99 -7.31
CA ALA C 244 5.72 15.42 -7.02
C ALA C 244 5.59 16.26 -8.28
N LYS C 245 5.23 17.54 -8.14
CA LYS C 245 5.06 18.44 -9.28
C LYS C 245 6.38 18.67 -10.02
N GLY C 246 6.34 18.58 -11.35
CA GLY C 246 7.55 18.79 -12.14
C GLY C 246 7.58 20.20 -12.69
N ASN C 247 7.59 20.33 -14.01
CA ASN C 247 7.60 21.65 -14.63
C ASN C 247 6.46 22.53 -14.14
N VAL C 248 6.63 23.84 -14.25
CA VAL C 248 5.60 24.77 -13.85
C VAL C 248 4.48 24.71 -14.91
N ASP C 249 3.22 24.63 -14.46
CA ASP C 249 2.08 24.55 -15.37
C ASP C 249 1.97 25.80 -16.24
N THR C 250 1.98 25.62 -17.57
CA THR C 250 1.90 26.77 -18.48
C THR C 250 0.69 27.65 -18.18
N VAL C 251 -0.45 27.02 -17.88
CA VAL C 251 -1.67 27.77 -17.57
C VAL C 251 -1.47 28.69 -16.37
N ALA C 252 -1.00 28.13 -15.26
CA ALA C 252 -0.78 28.91 -14.06
C ALA C 252 0.08 30.13 -14.33
N VAL C 253 1.12 29.96 -15.16
CA VAL C 253 2.05 31.04 -15.49
C VAL C 253 1.39 32.17 -16.27
N VAL C 254 0.62 31.84 -17.29
CA VAL C 254 -0.05 32.85 -18.12
C VAL C 254 -1.17 33.57 -17.38
N GLU C 255 -1.90 32.86 -16.52
CA GLU C 255 -2.96 33.49 -15.75
C GLU C 255 -2.36 34.51 -14.77
N MSE C 256 -1.18 34.21 -14.24
CA MSE C 256 -0.52 35.14 -13.32
C MSE C 256 0.06 36.33 -14.11
O MSE C 256 -0.14 37.49 -13.73
CB MSE C 256 0.61 34.45 -12.57
CG MSE C 256 1.35 35.38 -11.61
SE MSE C 256 3.14 34.82 -11.15
CE MSE C 256 4.11 35.63 -12.60
N LEU C 257 0.75 36.02 -15.21
CA LEU C 257 1.35 37.04 -16.05
C LEU C 257 0.34 38.09 -16.50
N HIS C 258 -0.83 37.63 -16.94
CA HIS C 258 -1.88 38.55 -17.38
C HIS C 258 -2.37 39.44 -16.23
N GLU C 259 -2.51 38.84 -15.06
CA GLU C 259 -2.94 39.58 -13.87
C GLU C 259 -1.93 40.69 -13.58
N MSE C 260 -0.69 40.49 -14.00
CA MSE C 260 0.36 41.49 -13.77
C MSE C 260 0.41 42.48 -14.92
O MSE C 260 1.33 43.28 -15.02
CB MSE C 260 1.72 40.82 -13.62
CG MSE C 260 1.83 39.96 -12.36
SE MSE C 260 3.52 39.07 -12.25
CE MSE C 260 4.57 40.48 -11.47
N GLY C 261 -0.59 42.40 -15.79
CA GLY C 261 -0.64 43.30 -16.93
C GLY C 261 0.27 42.91 -18.08
N PHE C 262 0.84 41.71 -18.00
CA PHE C 262 1.72 41.26 -19.07
C PHE C 262 0.94 40.58 -20.19
N GLU C 263 1.37 40.75 -21.43
CA GLU C 263 0.71 40.12 -22.56
C GLU C 263 1.56 38.96 -23.04
N THR C 264 0.94 37.80 -23.20
CA THR C 264 1.65 36.61 -23.65
C THR C 264 1.29 36.28 -25.09
N GLY C 265 0.11 36.74 -25.51
CA GLY C 265 -0.34 36.46 -26.87
C GLY C 265 -0.81 35.02 -26.99
N LEU C 266 -1.13 34.39 -25.86
CA LEU C 266 -1.61 33.02 -25.87
C LEU C 266 -3.10 32.96 -25.56
N ASP C 267 -3.75 31.91 -26.04
CA ASP C 267 -5.18 31.72 -25.81
C ASP C 267 -5.37 30.81 -24.58
N LEU C 268 -5.88 31.36 -23.50
CA LEU C 268 -6.10 30.58 -22.28
C LEU C 268 -6.99 29.37 -22.50
N ASP C 269 -8.11 29.59 -23.19
CA ASP C 269 -9.06 28.51 -23.47
C ASP C 269 -8.31 27.36 -24.16
N ARG C 270 -7.61 27.67 -25.24
CA ARG C 270 -6.87 26.64 -25.97
C ARG C 270 -5.91 25.97 -25.00
N LEU C 271 -5.18 26.79 -24.24
CA LEU C 271 -4.22 26.29 -23.26
C LEU C 271 -4.85 25.32 -22.25
N ARG C 272 -6.01 25.66 -21.72
CA ARG C 272 -6.65 24.77 -20.77
C ARG C 272 -7.02 23.46 -21.44
N SER C 273 -7.55 23.57 -22.65
CA SER C 273 -7.95 22.41 -23.42
C SER C 273 -6.75 21.52 -23.67
N ALA C 274 -5.60 22.14 -23.96
CA ALA C 274 -4.38 21.38 -24.21
C ALA C 274 -3.96 20.65 -22.94
N GLY C 275 -4.04 21.34 -21.80
CA GLY C 275 -3.69 20.74 -20.52
C GLY C 275 -4.53 19.50 -20.26
N LEU C 276 -5.83 19.62 -20.43
CA LEU C 276 -6.72 18.49 -20.22
C LEU C 276 -6.26 17.34 -21.10
N PHE C 277 -5.84 17.66 -22.32
CA PHE C 277 -5.38 16.63 -23.24
C PHE C 277 -4.20 15.88 -22.65
N THR C 278 -3.17 16.61 -22.25
CA THR C 278 -1.98 15.99 -21.70
C THR C 278 -2.32 15.15 -20.46
N GLN C 279 -3.27 15.63 -19.67
CA GLN C 279 -3.67 14.90 -18.47
C GLN C 279 -4.20 13.52 -18.81
N ALA C 280 -4.68 13.37 -20.05
CA ALA C 280 -5.21 12.09 -20.51
C ALA C 280 -4.05 11.11 -20.76
N LEU C 281 -2.83 11.56 -20.51
CA LEU C 281 -1.64 10.74 -20.69
C LEU C 281 -0.74 10.88 -19.47
N ARG C 282 -1.00 11.90 -18.66
CA ARG C 282 -0.23 12.16 -17.45
C ARG C 282 -0.54 11.10 -16.40
N GLN C 283 -1.82 10.93 -16.10
CA GLN C 283 -2.24 9.96 -15.12
C GLN C 283 -2.17 8.55 -15.70
N ASP C 284 -2.50 8.43 -16.98
CA ASP C 284 -2.47 7.14 -17.66
C ASP C 284 -2.29 7.30 -19.16
N ALA D 2 -30.58 30.86 17.28
CA ALA D 2 -30.00 29.68 17.97
C ALA D 2 -28.67 29.24 17.34
N GLU D 3 -27.85 28.56 18.13
CA GLU D 3 -26.55 28.08 17.66
C GLU D 3 -26.75 26.84 16.82
N HIS D 4 -26.08 26.81 15.67
CA HIS D 4 -26.17 25.70 14.73
C HIS D 4 -25.12 24.61 14.95
N VAL D 5 -25.53 23.35 14.87
CA VAL D 5 -24.62 22.21 15.01
C VAL D 5 -24.83 21.25 13.84
N GLU D 6 -23.75 20.89 13.15
CA GLU D 6 -23.88 20.02 12.00
C GLU D 6 -23.43 18.59 12.27
N ILE D 7 -24.03 17.64 11.57
CA ILE D 7 -23.62 16.27 11.75
C ILE D 7 -23.30 15.68 10.39
N VAL D 8 -22.22 14.91 10.33
CA VAL D 8 -21.83 14.26 9.09
C VAL D 8 -22.27 12.82 9.27
N GLU D 9 -23.10 12.33 8.35
CA GLU D 9 -23.62 10.96 8.45
C GLU D 9 -22.55 9.94 8.10
N MSE D 10 -22.47 8.89 8.90
CA MSE D 10 -21.47 7.85 8.74
C MSE D 10 -22.00 6.49 8.30
O MSE D 10 -21.26 5.64 7.84
CB MSE D 10 -20.74 7.66 10.06
CG MSE D 10 -20.12 8.92 10.61
SE MSE D 10 -18.43 9.26 9.75
CE MSE D 10 -19.00 10.65 8.49
N ALA D 11 -23.30 6.28 8.49
CA ALA D 11 -23.93 5.00 8.16
C ALA D 11 -23.53 4.37 6.83
N ALA D 12 -23.53 5.16 5.76
CA ALA D 12 -23.21 4.65 4.44
C ALA D 12 -21.79 4.09 4.29
N ARG D 13 -20.80 4.74 4.89
CA ARG D 13 -19.43 4.25 4.77
C ARG D 13 -18.91 3.63 6.06
N ASP D 14 -18.70 4.47 7.08
CA ASP D 14 -18.21 4.04 8.38
C ASP D 14 -19.11 2.96 9.00
N GLY D 15 -20.42 3.07 8.79
CA GLY D 15 -21.34 2.10 9.34
C GLY D 15 -21.30 0.75 8.65
N LEU D 16 -21.51 0.75 7.35
CA LEU D 16 -21.50 -0.46 6.54
C LEU D 16 -20.15 -1.15 6.59
N GLN D 17 -19.08 -0.37 6.70
CA GLN D 17 -17.74 -0.92 6.77
C GLN D 17 -17.57 -1.79 8.02
N ASN D 18 -18.17 -1.33 9.11
CA ASN D 18 -18.12 -2.03 10.39
C ASN D 18 -19.30 -2.96 10.62
N GLU D 19 -19.56 -3.79 9.61
CA GLU D 19 -20.64 -4.75 9.65
C GLU D 19 -20.16 -6.00 8.93
N LYS D 20 -20.28 -7.15 9.59
CA LYS D 20 -19.83 -8.44 9.04
C LYS D 20 -20.69 -8.99 7.91
N ARG D 21 -21.16 -8.12 7.02
CA ARG D 21 -21.99 -8.59 5.91
C ARG D 21 -21.98 -7.59 4.77
N PHE D 22 -22.34 -8.08 3.59
CA PHE D 22 -22.35 -7.23 2.42
C PHE D 22 -23.78 -6.83 2.08
N VAL D 23 -24.02 -5.52 2.13
CA VAL D 23 -25.34 -4.99 1.83
C VAL D 23 -25.45 -4.82 0.32
N PRO D 24 -26.54 -5.34 -0.27
CA PRO D 24 -26.76 -5.25 -1.71
C PRO D 24 -26.57 -3.81 -2.19
N THR D 25 -25.93 -3.66 -3.35
CA THR D 25 -25.68 -2.33 -3.89
C THR D 25 -26.96 -1.49 -3.96
N ALA D 26 -28.04 -2.10 -4.41
CA ALA D 26 -29.33 -1.43 -4.53
C ALA D 26 -29.78 -0.94 -3.16
N ASP D 27 -29.50 -1.72 -2.13
CA ASP D 27 -29.88 -1.36 -0.77
C ASP D 27 -29.03 -0.20 -0.25
N LYS D 28 -27.75 -0.16 -0.63
CA LYS D 28 -26.87 0.92 -0.19
C LYS D 28 -27.40 2.21 -0.82
N ILE D 29 -27.75 2.13 -2.10
CA ILE D 29 -28.25 3.27 -2.85
C ILE D 29 -29.57 3.78 -2.27
N ALA D 30 -30.44 2.86 -1.89
CA ALA D 30 -31.73 3.23 -1.31
C ALA D 30 -31.50 3.90 0.03
N LEU D 31 -30.51 3.41 0.76
CA LEU D 31 -30.17 3.95 2.07
C LEU D 31 -29.64 5.39 2.00
N ILE D 32 -28.81 5.64 1.00
CA ILE D 32 -28.22 6.94 0.82
C ILE D 32 -29.23 7.97 0.34
N ASN D 33 -30.16 7.52 -0.52
CA ASN D 33 -31.22 8.37 -1.05
C ASN D 33 -32.12 8.85 0.09
N ARG D 34 -32.35 8.01 1.09
CA ARG D 34 -33.19 8.44 2.22
C ARG D 34 -32.43 9.46 3.04
N LEU D 35 -31.16 9.17 3.33
CA LEU D 35 -30.37 10.09 4.12
C LEU D 35 -30.30 11.47 3.45
N SER D 36 -30.26 11.48 2.12
CA SER D 36 -30.19 12.72 1.37
C SER D 36 -31.41 13.62 1.58
N ASP D 37 -32.52 13.02 1.96
CA ASP D 37 -33.74 13.77 2.22
C ASP D 37 -33.88 14.09 3.70
N CYS D 38 -32.84 13.86 4.48
CA CYS D 38 -32.91 14.11 5.90
C CYS D 38 -32.50 15.53 6.28
N GLY D 39 -31.68 16.18 5.45
CA GLY D 39 -31.28 17.54 5.72
C GLY D 39 -29.79 17.74 5.93
N TYR D 40 -29.01 16.67 5.77
CA TYR D 40 -27.55 16.72 5.93
C TYR D 40 -26.89 17.63 4.90
N ALA D 41 -25.78 18.25 5.27
CA ALA D 41 -25.05 19.08 4.32
C ALA D 41 -23.98 18.16 3.70
N ARG D 42 -23.48 17.22 4.49
CA ARG D 42 -22.45 16.29 4.04
C ARG D 42 -22.82 14.84 4.36
N ILE D 43 -22.50 13.95 3.42
CA ILE D 43 -22.76 12.53 3.59
C ILE D 43 -21.58 11.83 2.97
N GLU D 44 -21.02 10.87 3.71
CA GLU D 44 -19.87 10.14 3.21
C GLU D 44 -20.45 8.89 2.56
N ALA D 45 -20.62 8.96 1.25
CA ALA D 45 -21.22 7.91 0.42
C ALA D 45 -20.54 6.53 0.34
N THR D 46 -19.21 6.51 0.32
CA THR D 46 -18.47 5.24 0.24
C THR D 46 -16.98 5.46 0.41
N SER D 47 -16.22 4.40 0.18
CA SER D 47 -14.78 4.44 0.28
C SER D 47 -14.17 3.69 -0.91
N PHE D 48 -13.09 4.24 -1.46
CA PHE D 48 -12.38 3.63 -2.58
C PHE D 48 -11.10 2.96 -2.07
N VAL D 49 -11.27 2.08 -1.08
CA VAL D 49 -10.16 1.39 -0.48
C VAL D 49 -10.21 -0.07 -0.94
N SER D 50 -9.05 -0.72 -0.94
CA SER D 50 -8.92 -2.11 -1.36
C SER D 50 -10.11 -2.98 -1.00
N PRO D 51 -10.75 -3.60 -2.01
CA PRO D 51 -11.91 -4.47 -1.83
C PRO D 51 -11.57 -5.69 -0.98
N LYS D 52 -10.29 -6.02 -0.87
CA LYS D 52 -9.86 -7.18 -0.09
C LYS D 52 -9.74 -6.84 1.39
N TRP D 53 -9.48 -5.58 1.68
CA TRP D 53 -9.35 -5.13 3.07
C TRP D 53 -10.71 -4.71 3.63
N VAL D 54 -11.65 -4.45 2.73
CA VAL D 54 -12.99 -4.05 3.11
C VAL D 54 -13.94 -4.34 1.95
N PRO D 55 -14.32 -5.61 1.79
CA PRO D 55 -15.24 -6.02 0.72
C PRO D 55 -16.63 -5.40 0.86
N GLN D 56 -16.98 -4.99 2.07
CA GLN D 56 -18.28 -4.40 2.31
C GLN D 56 -18.58 -3.23 1.37
N LEU D 57 -17.55 -2.50 0.93
CA LEU D 57 -17.74 -1.35 0.06
C LEU D 57 -17.14 -1.51 -1.33
N ALA D 58 -16.91 -2.75 -1.74
CA ALA D 58 -16.32 -3.01 -3.05
C ALA D 58 -17.14 -2.41 -4.19
N ASP D 59 -18.42 -2.14 -3.92
CA ASP D 59 -19.29 -1.57 -4.94
C ASP D 59 -19.33 -0.05 -4.85
N SER D 60 -18.26 0.55 -4.35
CA SER D 60 -18.19 2.00 -4.20
C SER D 60 -18.43 2.76 -5.50
N ARG D 61 -17.99 2.17 -6.61
CA ARG D 61 -18.14 2.78 -7.92
C ARG D 61 -19.62 2.79 -8.39
N GLU D 62 -20.30 1.66 -8.25
CA GLU D 62 -21.71 1.60 -8.65
C GLU D 62 -22.52 2.54 -7.78
N VAL D 63 -22.28 2.50 -6.48
CA VAL D 63 -22.99 3.36 -5.54
C VAL D 63 -22.98 4.83 -5.99
N MSE D 64 -21.79 5.40 -6.10
CA MSE D 64 -21.66 6.82 -6.52
C MSE D 64 -22.39 7.10 -7.83
O MSE D 64 -22.80 8.24 -8.07
CB MSE D 64 -20.19 7.19 -6.69
CG MSE D 64 -19.39 7.32 -5.39
SE MSE D 64 -20.17 8.57 -4.10
CE MSE D 64 -19.65 10.26 -4.89
N ALA D 65 -22.55 6.08 -8.65
CA ALA D 65 -23.21 6.24 -9.94
C ALA D 65 -24.72 6.09 -9.83
N GLY D 66 -25.20 5.27 -8.88
CA GLY D 66 -26.63 5.05 -8.73
C GLY D 66 -27.33 6.05 -7.82
N ILE D 67 -26.57 6.67 -6.93
CA ILE D 67 -27.11 7.66 -5.99
C ILE D 67 -27.63 8.88 -6.75
N ARG D 68 -28.62 9.56 -6.17
CA ARG D 68 -29.13 10.77 -6.81
C ARG D 68 -28.51 11.93 -6.04
N ARG D 69 -28.10 12.97 -6.78
CA ARG D 69 -27.45 14.14 -6.19
C ARG D 69 -28.45 15.21 -5.84
N ALA D 70 -28.77 15.36 -4.56
CA ALA D 70 -29.74 16.38 -4.16
C ALA D 70 -29.26 17.78 -4.57
N ASP D 71 -28.00 17.85 -5.01
CA ASP D 71 -27.36 19.10 -5.45
C ASP D 71 -27.14 20.15 -4.33
N GLY D 72 -27.85 20.00 -3.22
CA GLY D 72 -27.66 20.89 -2.10
C GLY D 72 -26.89 20.13 -1.01
N VAL D 73 -26.48 18.92 -1.37
CA VAL D 73 -25.76 18.03 -0.46
C VAL D 73 -24.42 17.60 -1.05
N ARG D 74 -23.37 17.62 -0.22
CA ARG D 74 -22.06 17.22 -0.67
C ARG D 74 -21.81 15.76 -0.32
N TYR D 75 -21.48 14.98 -1.34
CA TYR D 75 -21.19 13.56 -1.16
C TYR D 75 -19.68 13.35 -1.21
N SER D 76 -19.12 12.92 -0.08
CA SER D 76 -17.68 12.68 0.03
C SER D 76 -17.37 11.19 0.08
N VAL D 77 -16.10 10.87 -0.19
CA VAL D 77 -15.68 9.47 -0.15
C VAL D 77 -14.30 9.43 0.52
N LEU D 78 -14.04 8.33 1.21
CA LEU D 78 -12.77 8.10 1.92
C LEU D 78 -11.74 7.67 0.89
N VAL D 79 -10.52 8.20 0.99
CA VAL D 79 -9.45 7.89 0.05
C VAL D 79 -8.18 7.46 0.77
N PRO D 80 -7.73 6.20 0.54
CA PRO D 80 -6.54 5.64 1.17
C PRO D 80 -5.22 6.01 0.52
N ASN D 81 -5.27 6.34 -0.78
CA ASN D 81 -4.07 6.70 -1.53
C ASN D 81 -4.39 7.41 -2.83
N MSE D 82 -3.36 7.66 -3.64
CA MSE D 82 -3.54 8.34 -4.91
C MSE D 82 -4.44 7.56 -5.85
O MSE D 82 -5.29 8.14 -6.53
CB MSE D 82 -2.18 8.59 -5.58
CG MSE D 82 -2.23 9.58 -6.71
SE MSE D 82 -2.85 11.32 -6.20
CE MSE D 82 -1.12 12.13 -5.73
N LYS D 83 -4.28 6.24 -5.88
CA LYS D 83 -5.12 5.42 -6.75
C LYS D 83 -6.59 5.64 -6.38
N GLY D 84 -6.85 5.78 -5.08
CA GLY D 84 -8.21 6.01 -4.60
C GLY D 84 -8.72 7.38 -4.99
N TYR D 85 -7.84 8.38 -4.92
CA TYR D 85 -8.24 9.73 -5.27
C TYR D 85 -8.73 9.78 -6.72
N GLU D 86 -8.04 9.10 -7.62
CA GLU D 86 -8.44 9.08 -9.03
C GLU D 86 -9.84 8.52 -9.18
N ALA D 87 -10.11 7.41 -8.52
CA ALA D 87 -11.41 6.78 -8.56
C ALA D 87 -12.43 7.77 -8.00
N ALA D 88 -12.09 8.44 -6.92
CA ALA D 88 -13.02 9.40 -6.31
C ALA D 88 -13.34 10.54 -7.28
N ALA D 89 -12.33 11.00 -8.01
CA ALA D 89 -12.51 12.08 -8.97
C ALA D 89 -13.34 11.60 -10.16
N ALA D 90 -13.18 10.33 -10.52
CA ALA D 90 -13.94 9.75 -11.62
C ALA D 90 -15.40 9.57 -11.20
N ALA D 91 -15.62 9.27 -9.92
CA ALA D 91 -16.97 9.07 -9.38
C ALA D 91 -17.65 10.40 -9.08
N HIS D 92 -16.98 11.49 -9.45
CA HIS D 92 -17.55 12.82 -9.24
C HIS D 92 -17.81 13.10 -7.77
N ALA D 93 -16.85 12.77 -6.92
CA ALA D 93 -17.05 13.01 -5.51
C ALA D 93 -16.97 14.52 -5.27
N ASP D 94 -17.82 15.02 -4.38
CA ASP D 94 -17.85 16.46 -4.05
C ASP D 94 -16.70 16.85 -3.12
N GLU D 95 -16.38 15.94 -2.22
CA GLU D 95 -15.32 16.15 -1.25
C GLU D 95 -14.60 14.84 -0.99
N ILE D 96 -13.44 14.97 -0.35
CA ILE D 96 -12.55 13.87 -0.04
C ILE D 96 -12.33 13.77 1.47
N ALA D 97 -11.91 12.59 1.93
CA ALA D 97 -11.62 12.34 3.32
C ALA D 97 -10.44 11.37 3.42
N VAL D 98 -9.42 11.74 4.18
CA VAL D 98 -8.25 10.89 4.37
C VAL D 98 -8.20 10.43 5.83
N PHE D 99 -7.42 9.40 6.11
CA PHE D 99 -7.36 8.91 7.47
C PHE D 99 -5.98 8.52 7.96
N ILE D 100 -5.76 8.75 9.25
CA ILE D 100 -4.51 8.42 9.90
C ILE D 100 -4.83 8.10 11.36
N SER D 101 -3.84 7.58 12.08
CA SER D 101 -4.06 7.27 13.48
C SER D 101 -3.13 8.06 14.39
N ALA D 102 -3.59 8.36 15.59
CA ALA D 102 -2.75 9.06 16.56
C ALA D 102 -1.92 8.04 17.32
N SER D 103 -2.21 6.75 17.11
CA SER D 103 -1.48 5.65 17.75
C SER D 103 -0.58 4.87 16.77
N GLU D 104 0.71 4.78 17.09
CA GLU D 104 1.67 4.07 16.25
C GLU D 104 1.30 2.59 16.07
N GLY D 105 0.85 1.96 17.15
CA GLY D 105 0.49 0.55 17.07
C GLY D 105 -0.73 0.28 16.21
N PHE D 106 -1.69 1.19 16.24
CA PHE D 106 -2.89 1.01 15.44
C PHE D 106 -2.60 1.32 13.99
N SER D 107 -1.71 2.27 13.73
CA SER D 107 -1.37 2.65 12.37
C SER D 107 -0.73 1.49 11.60
N LYS D 108 0.34 0.92 12.15
CA LYS D 108 1.01 -0.18 11.48
C LYS D 108 0.22 -1.47 11.60
N ALA D 109 -1.02 -1.37 12.03
CA ALA D 109 -1.89 -2.54 12.18
C ALA D 109 -3.12 -2.37 11.31
N ASN D 110 -3.45 -1.12 11.00
CA ASN D 110 -4.61 -0.79 10.19
C ASN D 110 -4.21 -0.32 8.80
N ILE D 111 -3.19 0.54 8.75
CA ILE D 111 -2.69 1.09 7.47
C ILE D 111 -1.40 0.38 7.10
N ASN D 112 -0.87 -0.38 8.06
CA ASN D 112 0.37 -1.11 7.87
C ASN D 112 1.57 -0.20 7.58
N CYS D 113 1.77 0.78 8.45
CA CYS D 113 2.88 1.72 8.32
C CYS D 113 2.83 2.66 9.52
N THR D 114 3.90 3.40 9.75
CA THR D 114 3.97 4.33 10.88
C THR D 114 3.14 5.58 10.64
N ILE D 115 2.87 6.32 11.72
CA ILE D 115 2.12 7.55 11.62
C ILE D 115 2.79 8.56 10.68
N ALA D 116 4.08 8.77 10.87
CA ALA D 116 4.83 9.69 10.03
C ALA D 116 4.80 9.28 8.56
N GLU D 117 4.84 7.98 8.31
CA GLU D 117 4.83 7.45 6.94
C GLU D 117 3.46 7.61 6.30
N SER D 118 2.41 7.50 7.11
CA SER D 118 1.06 7.63 6.60
C SER D 118 0.81 9.09 6.24
N ILE D 119 1.50 10.00 6.92
CA ILE D 119 1.35 11.42 6.64
C ILE D 119 2.08 11.80 5.37
N GLU D 120 3.27 11.25 5.17
CA GLU D 120 4.07 11.54 3.98
C GLU D 120 3.38 11.12 2.69
N ARG D 121 2.89 9.89 2.67
CA ARG D 121 2.20 9.33 1.51
C ARG D 121 0.92 10.11 1.22
N LEU D 122 0.31 10.62 2.27
CA LEU D 122 -0.94 11.38 2.15
C LEU D 122 -0.70 12.81 1.68
N SER D 123 0.55 13.25 1.76
CA SER D 123 0.92 14.60 1.34
C SER D 123 0.54 14.88 -0.13
N PRO D 124 0.83 13.92 -1.04
CA PRO D 124 0.51 14.13 -2.45
C PRO D 124 -0.98 14.01 -2.79
N VAL D 125 -1.68 13.09 -2.13
CA VAL D 125 -3.10 12.93 -2.43
C VAL D 125 -3.88 14.19 -2.02
N ILE D 126 -3.51 14.76 -0.89
CA ILE D 126 -4.17 15.96 -0.38
C ILE D 126 -3.82 17.10 -1.35
N GLY D 127 -2.62 17.02 -1.91
CA GLY D 127 -2.18 18.05 -2.83
C GLY D 127 -2.97 17.99 -4.12
N ALA D 128 -3.18 16.78 -4.63
CA ALA D 128 -3.95 16.59 -5.84
C ALA D 128 -5.37 17.12 -5.66
N ALA D 129 -5.95 16.84 -4.49
CA ALA D 129 -7.31 17.27 -4.17
C ALA D 129 -7.44 18.79 -4.14
N ILE D 130 -6.53 19.44 -3.42
CA ILE D 130 -6.56 20.90 -3.32
C ILE D 130 -6.44 21.51 -4.71
N ASN D 131 -5.63 20.87 -5.55
CA ASN D 131 -5.44 21.35 -6.91
C ASN D 131 -6.77 21.31 -7.68
N ASP D 132 -7.52 20.21 -7.53
CA ASP D 132 -8.80 20.06 -8.20
C ASP D 132 -9.94 20.81 -7.49
N GLY D 133 -9.60 21.60 -6.48
CA GLY D 133 -10.63 22.35 -5.77
C GLY D 133 -11.55 21.53 -4.87
N LEU D 134 -11.16 20.31 -4.53
CA LEU D 134 -11.98 19.48 -3.65
C LEU D 134 -11.64 19.70 -2.19
N ALA D 135 -12.67 19.74 -1.34
CA ALA D 135 -12.47 19.91 0.09
C ALA D 135 -12.01 18.58 0.69
N ILE D 136 -11.03 18.63 1.59
CA ILE D 136 -10.50 17.41 2.20
C ILE D 136 -10.52 17.46 3.73
N ARG D 137 -11.12 16.44 4.33
CA ARG D 137 -11.21 16.33 5.78
C ARG D 137 -10.31 15.18 6.19
N GLY D 138 -9.73 15.28 7.39
CA GLY D 138 -8.87 14.21 7.85
C GLY D 138 -9.44 13.52 9.07
N TYR D 139 -9.26 12.21 9.15
CA TYR D 139 -9.74 11.39 10.26
C TYR D 139 -8.54 11.02 11.11
N VAL D 140 -8.69 11.11 12.43
CA VAL D 140 -7.63 10.73 13.34
C VAL D 140 -8.21 9.68 14.28
N SER D 141 -7.69 8.46 14.22
CA SER D 141 -8.19 7.40 15.10
C SER D 141 -7.43 7.34 16.44
N CYS D 142 -8.05 6.67 17.42
CA CYS D 142 -7.46 6.50 18.74
C CYS D 142 -7.06 7.82 19.41
N VAL D 143 -7.98 8.78 19.40
CA VAL D 143 -7.69 10.07 20.01
C VAL D 143 -7.71 10.01 21.54
N VAL D 144 -8.20 8.91 22.09
CA VAL D 144 -8.24 8.78 23.53
C VAL D 144 -7.53 7.52 23.96
N GLU D 145 -7.80 6.42 23.30
CA GLU D 145 -7.15 5.18 23.66
C GLU D 145 -7.08 4.21 22.47
N CYS D 146 -6.01 3.43 22.42
CA CYS D 146 -5.80 2.49 21.36
C CYS D 146 -5.85 1.07 21.85
N PRO D 147 -6.57 0.19 21.13
CA PRO D 147 -6.64 -1.19 21.59
C PRO D 147 -5.26 -1.86 21.58
N TYR D 148 -4.24 -1.14 21.12
CA TYR D 148 -2.91 -1.72 21.08
C TYR D 148 -1.92 -1.08 22.06
N ASP D 149 -1.78 0.24 22.00
CA ASP D 149 -0.85 0.96 22.85
C ASP D 149 -1.51 1.53 24.12
N GLY D 150 -2.80 1.29 24.29
CA GLY D 150 -3.48 1.80 25.46
C GLY D 150 -3.72 3.30 25.34
N PRO D 151 -3.80 4.02 26.45
CA PRO D 151 -4.04 5.48 26.37
C PRO D 151 -3.10 6.22 25.42
N VAL D 152 -3.63 7.24 24.75
CA VAL D 152 -2.85 8.05 23.83
C VAL D 152 -2.83 9.47 24.34
N THR D 153 -1.65 10.03 24.56
CA THR D 153 -1.51 11.38 25.07
C THR D 153 -2.17 12.47 24.22
N PRO D 154 -2.64 13.54 24.86
CA PRO D 154 -3.27 14.61 24.10
C PRO D 154 -2.29 15.17 23.07
N GLN D 155 -1.03 15.28 23.49
CA GLN D 155 0.02 15.80 22.62
C GLN D 155 0.15 15.00 21.34
N ALA D 156 0.10 13.68 21.44
CA ALA D 156 0.22 12.84 20.26
C ALA D 156 -0.89 13.20 19.28
N VAL D 157 -2.12 13.32 19.79
CA VAL D 157 -3.27 13.66 18.95
C VAL D 157 -3.12 15.07 18.34
N ALA D 158 -2.67 16.03 19.14
CA ALA D 158 -2.51 17.39 18.64
C ALA D 158 -1.40 17.46 17.59
N SER D 159 -0.39 16.61 17.73
CA SER D 159 0.71 16.62 16.77
C SER D 159 0.20 16.25 15.37
N VAL D 160 -0.38 15.05 15.25
CA VAL D 160 -0.89 14.61 13.97
C VAL D 160 -2.03 15.49 13.42
N THR D 161 -2.83 16.07 14.32
CA THR D 161 -3.93 16.92 13.89
C THR D 161 -3.37 18.20 13.23
N GLU D 162 -2.30 18.74 13.82
CA GLU D 162 -1.64 19.94 13.33
C GLU D 162 -0.99 19.69 11.98
N GLN D 163 -0.48 18.48 11.77
CA GLN D 163 0.17 18.14 10.50
C GLN D 163 -0.87 17.93 9.40
N LEU D 164 -2.06 17.46 9.75
CA LEU D 164 -3.10 17.26 8.75
C LEU D 164 -3.56 18.62 8.23
N PHE D 165 -3.82 19.55 9.14
CA PHE D 165 -4.24 20.90 8.72
C PHE D 165 -3.16 21.57 7.89
N SER D 166 -1.91 21.45 8.32
CA SER D 166 -0.81 22.08 7.60
C SER D 166 -0.67 21.56 6.17
N LEU D 167 -1.10 20.33 5.94
CA LEU D 167 -1.05 19.75 4.60
C LEU D 167 -2.16 20.29 3.72
N GLY D 168 -3.27 20.69 4.34
CA GLY D 168 -4.38 21.24 3.56
C GLY D 168 -5.78 20.94 4.08
N CYS D 169 -5.93 19.89 4.88
CA CYS D 169 -7.24 19.52 5.42
C CYS D 169 -7.95 20.76 5.99
N HIS D 170 -9.23 20.90 5.66
CA HIS D 170 -10.03 22.04 6.13
C HIS D 170 -10.73 21.68 7.44
N GLU D 171 -10.75 20.38 7.74
CA GLU D 171 -11.38 19.88 8.95
C GLU D 171 -10.80 18.53 9.35
N VAL D 172 -10.74 18.29 10.65
CA VAL D 172 -10.23 17.06 11.23
C VAL D 172 -11.27 16.48 12.19
N SER D 173 -11.52 15.19 12.05
CA SER D 173 -12.48 14.48 12.87
C SER D 173 -11.68 13.67 13.89
N LEU D 174 -11.88 13.97 15.17
CA LEU D 174 -11.18 13.31 16.24
C LEU D 174 -12.01 12.10 16.65
N GLY D 175 -11.61 10.92 16.25
CA GLY D 175 -12.40 9.74 16.58
C GLY D 175 -11.97 8.85 17.72
N ASP D 176 -12.88 8.64 18.67
CA ASP D 176 -12.62 7.76 19.82
C ASP D 176 -12.91 6.33 19.38
N THR D 177 -12.04 5.85 18.49
CA THR D 177 -12.07 4.51 17.88
C THR D 177 -12.71 3.35 18.66
N ILE D 178 -12.29 3.15 19.91
CA ILE D 178 -12.83 2.04 20.70
C ILE D 178 -13.88 2.47 21.72
N GLY D 179 -14.29 3.73 21.65
CA GLY D 179 -15.28 4.24 22.58
C GLY D 179 -14.92 4.10 24.07
N ARG D 180 -13.68 4.39 24.41
CA ARG D 180 -13.28 4.30 25.82
C ARG D 180 -13.12 5.69 26.40
N GLY D 181 -13.49 6.71 25.63
CA GLY D 181 -13.36 8.07 26.10
C GLY D 181 -14.41 8.54 27.10
N THR D 182 -13.98 9.33 28.08
CA THR D 182 -14.90 9.86 29.09
C THR D 182 -14.81 11.38 29.00
N PRO D 183 -15.75 12.08 29.64
CA PRO D 183 -15.69 13.54 29.58
C PRO D 183 -14.33 14.11 29.92
N ASP D 184 -13.62 13.48 30.85
CA ASP D 184 -12.30 13.95 31.25
C ASP D 184 -11.22 13.73 30.19
N THR D 185 -10.99 12.48 29.79
CA THR D 185 -9.97 12.20 28.78
C THR D 185 -10.24 13.01 27.50
N VAL D 186 -11.51 13.03 27.07
CA VAL D 186 -11.90 13.77 25.87
C VAL D 186 -11.58 15.25 26.05
N ALA D 187 -11.89 15.79 27.22
CA ALA D 187 -11.64 17.20 27.52
C ALA D 187 -10.14 17.52 27.48
N ALA D 188 -9.32 16.59 27.94
CA ALA D 188 -7.87 16.81 27.95
C ALA D 188 -7.31 16.72 26.53
N MSE D 189 -7.94 15.91 25.69
CA MSE D 189 -7.51 15.76 24.31
C MSE D 189 -7.87 17.04 23.57
O MSE D 189 -7.01 17.65 22.95
CB MSE D 189 -8.19 14.53 23.70
CG MSE D 189 -7.91 14.27 22.22
SE MSE D 189 -9.04 15.30 21.00
CE MSE D 189 -10.77 14.49 21.44
N LEU D 190 -9.13 17.46 23.66
CA LEU D 190 -9.57 18.67 22.97
C LEU D 190 -8.69 19.88 23.32
N ASP D 191 -8.37 20.04 24.61
CA ASP D 191 -7.54 21.17 25.05
C ASP D 191 -6.23 21.23 24.28
N ALA D 192 -5.61 20.07 24.11
CA ALA D 192 -4.36 20.03 23.38
C ALA D 192 -4.62 20.44 21.93
N VAL D 193 -5.62 19.83 21.30
CA VAL D 193 -5.91 20.16 19.90
C VAL D 193 -6.34 21.63 19.69
N LEU D 194 -7.14 22.15 20.61
CA LEU D 194 -7.60 23.53 20.49
C LEU D 194 -6.43 24.52 20.59
N ALA D 195 -5.32 24.05 21.13
CA ALA D 195 -4.16 24.91 21.25
C ALA D 195 -3.49 25.12 19.90
N ILE D 196 -3.71 24.23 18.94
CA ILE D 196 -3.10 24.38 17.61
C ILE D 196 -4.11 24.40 16.45
N ALA D 197 -5.38 24.54 16.78
CA ALA D 197 -6.42 24.60 15.77
C ALA D 197 -7.73 25.09 16.39
N PRO D 198 -8.47 25.91 15.64
CA PRO D 198 -9.75 26.47 16.08
C PRO D 198 -10.84 25.40 16.13
N ALA D 199 -11.75 25.54 17.08
CA ALA D 199 -12.84 24.61 17.27
C ALA D 199 -13.68 24.49 16.01
N HIS D 200 -13.67 25.56 15.23
CA HIS D 200 -14.42 25.65 13.99
C HIS D 200 -14.07 24.52 13.00
N SER D 201 -12.81 24.11 12.99
CA SER D 201 -12.41 23.07 12.05
C SER D 201 -12.32 21.67 12.66
N LEU D 202 -12.88 21.49 13.85
CA LEU D 202 -12.84 20.20 14.52
C LEU D 202 -14.18 19.50 14.52
N ALA D 203 -14.16 18.18 14.34
CA ALA D 203 -15.38 17.41 14.37
C ALA D 203 -15.19 16.29 15.37
N GLY D 204 -16.24 16.00 16.12
CA GLY D 204 -16.18 14.94 17.12
C GLY D 204 -16.76 13.67 16.55
N HIS D 205 -16.09 12.55 16.81
CA HIS D 205 -16.46 11.23 16.31
C HIS D 205 -16.37 10.26 17.48
N TYR D 206 -17.38 10.26 18.33
CA TYR D 206 -17.35 9.42 19.51
C TYR D 206 -18.23 8.19 19.52
N HIS D 207 -17.61 7.02 19.69
CA HIS D 207 -18.38 5.80 19.74
C HIS D 207 -19.11 5.71 21.07
N ASP D 208 -20.26 5.07 21.06
CA ASP D 208 -21.10 4.94 22.24
C ASP D 208 -20.85 3.57 22.87
N THR D 209 -19.83 2.89 22.36
CA THR D 209 -19.48 1.57 22.84
C THR D 209 -19.48 1.47 24.36
N GLY D 210 -19.05 2.55 25.03
CA GLY D 210 -19.02 2.57 26.47
C GLY D 210 -20.17 3.35 27.09
N GLY D 211 -21.14 3.74 26.25
CA GLY D 211 -22.28 4.49 26.74
C GLY D 211 -22.00 5.94 27.11
N ARG D 212 -20.86 6.48 26.66
CA ARG D 212 -20.54 7.85 27.00
C ARG D 212 -20.48 8.83 25.82
N ALA D 213 -20.84 8.36 24.62
CA ALA D 213 -20.81 9.19 23.42
C ALA D 213 -21.51 10.53 23.60
N LEU D 214 -22.76 10.49 24.07
CA LEU D 214 -23.53 11.73 24.28
C LEU D 214 -22.88 12.63 25.34
N ASP D 215 -22.20 12.03 26.30
CA ASP D 215 -21.52 12.82 27.33
C ASP D 215 -20.27 13.48 26.74
N ASN D 216 -19.57 12.75 25.89
CA ASN D 216 -18.35 13.30 25.27
C ASN D 216 -18.70 14.41 24.28
N ILE D 217 -19.91 14.35 23.74
CA ILE D 217 -20.36 15.36 22.81
C ILE D 217 -20.66 16.66 23.58
N ARG D 218 -21.30 16.55 24.75
CA ARG D 218 -21.61 17.73 25.56
C ARG D 218 -20.33 18.50 25.89
N VAL D 219 -19.29 17.76 26.28
CA VAL D 219 -18.01 18.37 26.60
C VAL D 219 -17.44 19.11 25.39
N SER D 220 -17.56 18.48 24.22
CA SER D 220 -17.05 19.07 22.98
C SER D 220 -17.81 20.35 22.64
N LEU D 221 -19.11 20.35 22.93
CA LEU D 221 -19.95 21.52 22.67
C LEU D 221 -19.49 22.66 23.57
N GLU D 222 -19.19 22.33 24.83
CA GLU D 222 -18.75 23.29 25.83
C GLU D 222 -17.37 23.86 25.46
N LYS D 223 -16.61 23.07 24.71
CA LYS D 223 -15.29 23.47 24.25
C LYS D 223 -15.35 24.28 22.96
N GLY D 224 -16.50 24.23 22.28
CA GLY D 224 -16.65 24.97 21.04
C GLY D 224 -16.92 24.17 19.77
N LEU D 225 -16.79 22.85 19.84
CA LEU D 225 -17.04 22.03 18.65
C LEU D 225 -18.48 22.14 18.18
N ARG D 226 -18.68 22.28 16.87
CA ARG D 226 -20.00 22.39 16.32
C ARG D 226 -20.25 21.41 15.17
N VAL D 227 -19.48 20.33 15.15
CA VAL D 227 -19.65 19.29 14.13
C VAL D 227 -19.40 17.94 14.79
N PHE D 228 -20.25 16.97 14.46
CA PHE D 228 -20.11 15.64 15.04
C PHE D 228 -20.52 14.57 14.05
N ASP D 229 -19.84 13.43 14.11
CA ASP D 229 -20.11 12.31 13.22
C ASP D 229 -20.93 11.26 13.94
N ALA D 230 -21.94 10.74 13.26
CA ALA D 230 -22.82 9.72 13.82
C ALA D 230 -23.49 8.87 12.73
N SER D 231 -24.00 7.70 13.12
CA SER D 231 -24.71 6.80 12.20
C SER D 231 -26.19 6.81 12.53
N VAL D 232 -27.01 7.05 11.51
CA VAL D 232 -28.46 7.14 11.67
C VAL D 232 -29.06 6.10 12.63
N GLY D 233 -28.74 4.83 12.43
CA GLY D 233 -29.27 3.81 13.33
C GLY D 233 -28.18 3.10 14.11
N GLY D 234 -27.07 3.78 14.33
CA GLY D 234 -25.96 3.18 15.04
C GLY D 234 -25.23 2.16 14.20
N LEU D 235 -25.42 2.23 12.88
CA LEU D 235 -24.74 1.29 11.97
C LEU D 235 -23.24 1.28 12.21
N GLY D 236 -22.65 0.10 12.07
CA GLY D 236 -21.23 -0.05 12.25
C GLY D 236 -20.84 -0.20 13.71
N GLY D 237 -20.63 -1.44 14.15
CA GLY D 237 -20.26 -1.66 15.54
C GLY D 237 -18.76 -1.52 15.79
N CYS D 238 -18.27 -2.23 16.81
CA CYS D 238 -16.85 -2.20 17.14
C CYS D 238 -16.29 -3.62 17.12
N PRO D 239 -15.29 -3.86 16.27
CA PRO D 239 -14.65 -5.17 16.13
C PRO D 239 -14.04 -5.70 17.42
N PHE D 240 -13.54 -4.80 18.24
CA PHE D 240 -12.93 -5.17 19.51
C PHE D 240 -14.02 -5.46 20.53
N ALA D 241 -15.25 -5.07 20.21
CA ALA D 241 -16.39 -5.28 21.08
C ALA D 241 -17.57 -5.73 20.22
N PRO D 242 -17.51 -6.97 19.72
CA PRO D 242 -18.57 -7.52 18.88
C PRO D 242 -19.95 -7.45 19.54
N GLY D 243 -20.96 -7.11 18.75
CA GLY D 243 -22.30 -7.01 19.31
C GLY D 243 -22.51 -5.71 20.08
N ALA D 244 -21.44 -5.21 20.72
CA ALA D 244 -21.52 -3.97 21.48
C ALA D 244 -21.85 -2.78 20.56
N LYS D 245 -22.33 -1.70 21.15
CA LYS D 245 -22.69 -0.49 20.38
C LYS D 245 -21.48 0.15 19.70
N GLY D 246 -21.63 0.50 18.43
CA GLY D 246 -20.52 1.11 17.70
C GLY D 246 -20.68 2.62 17.67
N ASN D 247 -20.82 3.17 16.47
CA ASN D 247 -21.00 4.61 16.32
C ASN D 247 -22.17 5.13 17.15
N VAL D 248 -22.14 6.40 17.48
CA VAL D 248 -23.23 7.00 18.25
C VAL D 248 -24.42 7.16 17.29
N ASP D 249 -25.61 6.80 17.74
CA ASP D 249 -26.81 6.87 16.90
C ASP D 249 -27.16 8.31 16.51
N THR D 250 -27.23 8.58 15.21
CA THR D 250 -27.55 9.94 14.75
C THR D 250 -28.81 10.51 15.40
N VAL D 251 -29.83 9.68 15.55
CA VAL D 251 -31.09 10.12 16.17
C VAL D 251 -30.86 10.61 17.59
N ALA D 252 -30.24 9.79 18.41
CA ALA D 252 -29.98 10.16 19.81
C ALA D 252 -29.25 11.50 19.90
N VAL D 253 -28.31 11.74 19.01
CA VAL D 253 -27.54 12.99 19.01
C VAL D 253 -28.39 14.21 18.72
N VAL D 254 -29.21 14.15 17.66
CA VAL D 254 -30.04 15.28 17.27
C VAL D 254 -31.15 15.57 18.29
N GLU D 255 -31.71 14.52 18.90
CA GLU D 255 -32.75 14.71 19.89
C GLU D 255 -32.18 15.41 21.13
N MSE D 256 -30.92 15.13 21.44
CA MSE D 256 -30.27 15.77 22.58
C MSE D 256 -29.91 17.22 22.21
O MSE D 256 -30.18 18.16 22.96
CB MSE D 256 -28.99 15.02 22.98
CG MSE D 256 -28.26 15.65 24.18
SE MSE D 256 -26.38 15.17 24.32
CE MSE D 256 -25.66 16.58 23.19
N LEU D 257 -29.29 17.38 21.04
CA LEU D 257 -28.88 18.68 20.55
C LEU D 257 -30.01 19.69 20.55
N HIS D 258 -31.17 19.27 20.05
CA HIS D 258 -32.35 20.14 20.00
C HIS D 258 -32.80 20.51 21.41
N GLU D 259 -32.77 19.55 22.31
CA GLU D 259 -33.16 19.79 23.70
C GLU D 259 -32.25 20.86 24.30
N MSE D 260 -31.04 20.97 23.77
CA MSE D 260 -30.10 21.96 24.26
C MSE D 260 -30.26 23.28 23.52
O MSE D 260 -29.45 24.20 23.66
CB MSE D 260 -28.67 21.47 24.11
CG MSE D 260 -28.32 20.27 24.97
SE MSE D 260 -26.51 19.67 24.64
CE MSE D 260 -25.58 20.80 25.85
N GLY D 261 -31.31 23.36 22.71
CA GLY D 261 -31.56 24.59 21.96
C GLY D 261 -30.72 24.71 20.71
N PHE D 262 -30.03 23.64 20.33
CA PHE D 262 -29.21 23.68 19.13
C PHE D 262 -30.03 23.30 17.91
N GLU D 263 -29.74 23.93 16.78
CA GLU D 263 -30.45 23.63 15.54
C GLU D 263 -29.52 22.82 14.63
N THR D 264 -30.04 21.70 14.12
CA THR D 264 -29.26 20.83 13.25
C THR D 264 -29.72 20.95 11.81
N GLY D 265 -30.97 21.37 11.64
CA GLY D 265 -31.52 21.49 10.30
C GLY D 265 -31.87 20.14 9.71
N LEU D 266 -32.00 19.13 10.58
CA LEU D 266 -32.33 17.78 10.13
C LEU D 266 -33.78 17.44 10.47
N ASP D 267 -34.36 16.53 9.71
CA ASP D 267 -35.74 16.11 9.95
C ASP D 267 -35.71 14.83 10.80
N LEU D 268 -36.17 14.92 12.05
CA LEU D 268 -36.19 13.76 12.94
C LEU D 268 -36.99 12.59 12.38
N ASP D 269 -38.17 12.88 11.84
CA ASP D 269 -39.03 11.85 11.27
C ASP D 269 -38.23 11.10 10.20
N ARG D 270 -37.68 11.83 9.23
CA ARG D 270 -36.90 11.20 8.16
C ARG D 270 -35.77 10.37 8.78
N LEU D 271 -35.08 10.98 9.76
CA LEU D 271 -33.99 10.31 10.45
C LEU D 271 -34.41 8.98 11.09
N ARG D 272 -35.54 8.98 11.78
CA ARG D 272 -36.00 7.75 12.42
C ARG D 272 -36.33 6.71 11.36
N SER D 273 -36.96 7.16 10.30
CA SER D 273 -37.32 6.26 9.20
C SER D 273 -36.04 5.65 8.60
N ALA D 274 -35.00 6.46 8.47
CA ALA D 274 -33.74 5.98 7.91
C ALA D 274 -33.12 4.95 8.85
N GLY D 275 -33.19 5.22 10.14
CA GLY D 275 -32.64 4.29 11.11
C GLY D 275 -33.32 2.94 10.99
N LEU D 276 -34.65 2.94 10.93
CA LEU D 276 -35.39 1.70 10.81
C LEU D 276 -34.92 0.96 9.55
N PHE D 277 -34.64 1.71 8.49
CA PHE D 277 -34.18 1.13 7.24
C PHE D 277 -32.87 0.37 7.47
N THR D 278 -31.88 1.05 8.05
CA THR D 278 -30.58 0.43 8.29
C THR D 278 -30.71 -0.79 9.20
N GLN D 279 -31.63 -0.73 10.16
CA GLN D 279 -31.83 -1.85 11.06
C GLN D 279 -32.25 -3.09 10.29
N ALA D 280 -32.83 -2.90 9.11
CA ALA D 280 -33.27 -4.01 8.28
C ALA D 280 -32.07 -4.70 7.64
N LEU D 281 -30.88 -4.19 7.95
CA LEU D 281 -29.62 -4.76 7.44
C LEU D 281 -28.64 -4.93 8.60
N ARG D 282 -28.92 -4.27 9.71
CA ARG D 282 -28.07 -4.33 10.90
C ARG D 282 -28.16 -5.71 11.54
N GLN D 283 -29.39 -6.12 11.85
CA GLN D 283 -29.62 -7.42 12.46
C GLN D 283 -29.45 -8.53 11.43
N ASP D 284 -29.90 -8.26 10.20
CA ASP D 284 -29.81 -9.25 9.12
C ASP D 284 -29.79 -8.57 7.74
CA CA E . 16.19 -4.00 -11.77
CA CA F . -17.25 -19.35 24.73
CA CA G . 12.12 20.83 -16.95
CA CA H . -16.62 5.08 13.62
#